data_8OK6
#
_entry.id   8OK6
#
_cell.length_a   76.244
_cell.length_b   76.244
_cell.length_c   212.257
_cell.angle_alpha   90.000
_cell.angle_beta   90.000
_cell.angle_gamma   120.000
#
_symmetry.space_group_name_H-M   'P 3 2 1'
#
loop_
_entity.id
_entity.type
_entity.pdbx_description
1 polymer 'Variant surface glycoprotein'
2 branched alpha-D-mannopyranose-(1-2)-alpha-D-mannopyranose-(1-3)-[alpha-D-mannopyranose-(1-6)]beta-D-mannopyranose-(1-4)-2-acetamido-2-deoxy-beta-D-glucopyranose-(1-4)-2-acetamido-2-deoxy-beta-D-glucopyranose
3 branched alpha-D-mannopyranose-(1-3)-[alpha-D-mannopyranose-(1-6)]beta-D-mannopyranose-(1-4)-2-acetamido-2-deoxy-beta-D-glucopyranose-(1-4)-2-acetamido-2-deoxy-beta-D-glucopyranose
4 non-polymer alpha-D-glucopyranose
5 non-polymer 'SULFATE ION'
6 water water
#
_entity_poly.entity_id   1
_entity_poly.type   'polypeptide(L)'
_entity_poly.pdbx_seq_one_letter_code
;NIGTGDNVLHRAALCGIIELAGKRAKLETALPNFQNELNSILELNMTAAEPTWLDQFRDKDDRSKPRDLTKQPLPKDTNW
ADHWTAWAKAALPLLNDETHQAKLKEYKLAGLQPEKLERARNTIRRLTAEAVAKAQDPTVAESTADLTTEEDLQKQINQA
VYSKDTEPDDDFNGYTAFEGKASTNRQTICGSAVAGSKATNAMDALFCVCADDRTNGADAGKACVAGTAPGTGWNPGVTA
TPTGTMLQKVRKLCNTHGKTTLSAAAIEGRLTAVGNLLTRGSATSILGSFLATDCSGDQGSGMCVAYTEVTDAKGTPTKD
IPWMQKLDSVRIKLQKHERAVEKLGKPQHDLKTILTLAKDPAYLQLASVGTRHLETTKQRVSNEQGKTQQTQQTCEQYNN
KKNDCVKTGVCKWEE
;
_entity_poly.pdbx_strand_id   A,C
#
# COMPACT_ATOMS: atom_id res chain seq x y z
N ASN A 1 -15.33 42.07 81.59
CA ASN A 1 -14.00 42.25 80.95
C ASN A 1 -13.71 41.08 79.99
N ILE A 2 -12.84 41.31 79.01
CA ILE A 2 -12.44 40.25 78.06
C ILE A 2 -11.44 39.32 78.75
N GLY A 3 -11.67 38.00 78.64
CA GLY A 3 -10.80 37.05 79.32
C GLY A 3 -10.56 35.78 78.54
N THR A 4 -10.14 34.72 79.23
CA THR A 4 -9.76 33.44 78.59
C THR A 4 -10.87 32.88 77.69
N GLY A 5 -10.57 32.66 76.42
CA GLY A 5 -11.52 32.01 75.51
C GLY A 5 -12.53 32.93 74.87
N ASP A 6 -12.50 34.22 75.19
CA ASP A 6 -13.55 35.09 74.68
C ASP A 6 -13.50 35.27 73.16
N ASN A 7 -12.32 35.07 72.53
CA ASN A 7 -12.17 35.20 71.09
C ASN A 7 -12.08 33.86 70.36
N VAL A 8 -12.51 32.75 70.98
CA VAL A 8 -12.44 31.47 70.29
C VAL A 8 -13.22 31.52 68.97
N LEU A 9 -14.42 32.12 68.98
CA LEU A 9 -15.20 32.22 67.74
C LEU A 9 -14.43 32.91 66.62
N HIS A 10 -13.84 34.08 66.91
CA HIS A 10 -13.12 34.83 65.89
C HIS A 10 -11.86 34.09 65.44
N ARG A 11 -11.14 33.49 66.40
CA ARG A 11 -9.94 32.72 66.05
C ARG A 11 -10.28 31.60 65.09
N ALA A 12 -11.34 30.83 65.40
CA ALA A 12 -11.75 29.76 64.50
C ALA A 12 -12.02 30.29 63.10
N ALA A 13 -12.69 31.44 62.99
CA ALA A 13 -13.01 31.99 61.67
C ALA A 13 -11.75 32.41 60.95
N LEU A 14 -10.83 33.09 61.63
CA LEU A 14 -9.60 33.52 60.98
C LEU A 14 -8.69 32.33 60.65
N CYS A 15 -8.63 31.32 61.53
CA CYS A 15 -7.77 30.16 61.25
C CYS A 15 -8.31 29.36 60.06
N GLY A 16 -9.62 29.38 59.84
CA GLY A 16 -10.16 28.75 58.64
C GLY A 16 -9.63 29.37 57.36
N ILE A 17 -9.19 30.62 57.42
CA ILE A 17 -8.47 31.25 56.31
C ILE A 17 -7.02 30.79 56.28
N ILE A 18 -6.32 31.02 57.40
CA ILE A 18 -4.88 30.76 57.51
C ILE A 18 -4.55 29.33 57.08
N GLU A 19 -5.43 28.39 57.38
CA GLU A 19 -5.13 26.96 57.11
C GLU A 19 -5.12 26.70 55.60
N LEU A 20 -5.58 27.65 54.80
CA LEU A 20 -5.68 27.41 53.34
C LEU A 20 -4.39 27.89 52.68
N ALA A 21 -3.46 28.42 53.45
CA ALA A 21 -2.24 29.01 52.87
C ALA A 21 -1.14 27.96 52.70
N GLY A 22 0.10 28.42 52.55
CA GLY A 22 1.19 27.48 52.27
C GLY A 22 0.89 26.72 51.00
N LYS A 23 1.06 25.40 51.01
CA LYS A 23 0.70 24.56 49.85
C LYS A 23 -0.32 23.53 50.33
N ARG A 24 -1.34 23.98 51.08
CA ARG A 24 -2.31 23.03 51.67
C ARG A 24 -3.60 23.05 50.86
N ALA A 25 -3.82 24.11 50.10
CA ALA A 25 -5.01 24.17 49.22
C ALA A 25 -4.75 23.27 48.01
N LYS A 26 -5.46 22.15 47.93
CA LYS A 26 -5.18 21.17 46.86
C LYS A 26 -6.30 21.18 45.82
N LEU A 27 -5.93 21.21 44.54
CA LEU A 27 -6.93 21.13 43.43
C LEU A 27 -7.04 19.66 43.03
N GLU A 28 -8.17 19.02 43.36
CA GLU A 28 -8.30 17.56 43.07
C GLU A 28 -8.72 17.38 41.61
N THR A 29 -10.03 17.49 41.33
CA THR A 29 -10.51 17.41 39.93
C THR A 29 -9.59 18.27 39.06
N ALA A 30 -8.67 17.65 38.33
CA ALA A 30 -7.69 18.44 37.55
C ALA A 30 -7.85 18.19 36.04
N LEU A 31 -6.92 18.71 35.24
CA LEU A 31 -6.98 18.61 33.75
C LEU A 31 -7.64 17.33 33.26
N PRO A 32 -8.88 17.38 32.75
CA PRO A 32 -9.50 16.22 32.12
C PRO A 32 -8.85 16.17 30.73
N ASN A 33 -8.13 15.10 30.39
CA ASN A 33 -7.41 15.10 29.09
C ASN A 33 -8.04 14.14 28.09
N PHE A 34 -8.11 14.56 26.83
CA PHE A 34 -8.60 13.69 25.77
C PHE A 34 -7.64 13.67 24.58
N GLN A 35 -6.48 14.31 24.71
CA GLN A 35 -5.60 14.43 23.56
C GLN A 35 -4.98 13.10 23.17
N ASN A 36 -4.73 12.22 24.13
CA ASN A 36 -4.18 10.92 23.79
C ASN A 36 -5.19 10.08 23.01
N GLU A 37 -6.46 10.16 23.41
CA GLU A 37 -7.51 9.43 22.71
C GLU A 37 -7.70 10.00 21.30
N LEU A 38 -7.67 11.33 21.17
CA LEU A 38 -7.74 11.94 19.85
C LEU A 38 -6.55 11.53 19.00
N ASN A 39 -5.34 11.62 19.56
CA ASN A 39 -4.15 11.24 18.80
C ASN A 39 -4.25 9.78 18.36
N SER A 40 -4.78 8.91 19.22
CA SER A 40 -4.96 7.52 18.83
C SER A 40 -5.94 7.38 17.67
N ILE A 41 -7.03 8.15 17.69
CA ILE A 41 -7.98 8.09 16.57
C ILE A 41 -7.32 8.61 15.30
N LEU A 42 -6.57 9.71 15.41
CA LEU A 42 -5.91 10.25 14.23
C LEU A 42 -4.88 9.27 13.67
N GLU A 43 -4.17 8.56 14.54
CA GLU A 43 -3.18 7.62 14.02
C GLU A 43 -3.86 6.38 13.42
N LEU A 44 -4.99 5.97 13.99
CA LEU A 44 -5.77 4.85 13.37
C LEU A 44 -6.19 5.26 11.96
N ASN A 45 -6.66 6.49 11.80
CA ASN A 45 -7.11 6.99 10.48
C ASN A 45 -5.96 6.96 9.49
N MET A 46 -4.78 7.42 9.90
CA MET A 46 -3.61 7.47 8.98
C MET A 46 -3.19 6.05 8.60
N THR A 47 -3.23 5.12 9.56
CA THR A 47 -2.84 3.71 9.30
C THR A 47 -3.81 3.11 8.27
N ALA A 48 -5.09 3.44 8.38
CA ALA A 48 -6.11 2.86 7.48
C ALA A 48 -6.07 3.53 6.12
N ALA A 49 -5.44 4.70 6.05
CA ALA A 49 -5.43 5.44 4.77
C ALA A 49 -4.74 4.63 3.67
N GLU A 50 -5.05 5.00 2.43
CA GLU A 50 -4.41 4.35 1.27
C GLU A 50 -2.91 4.62 1.34
N PRO A 51 -2.06 3.67 0.90
CA PRO A 51 -0.61 3.84 1.03
C PRO A 51 -0.12 5.08 0.27
N THR A 52 -0.82 5.49 -0.78
CA THR A 52 -0.43 6.68 -1.52
C THR A 52 -0.71 7.96 -0.72
N TRP A 53 -1.59 7.89 0.27
CA TRP A 53 -1.77 9.05 1.15
C TRP A 53 -0.61 9.15 2.14
N LEU A 54 -0.28 8.04 2.81
CA LEU A 54 0.89 8.03 3.68
C LEU A 54 2.15 8.45 2.95
N ASP A 55 2.27 8.08 1.67
CA ASP A 55 3.46 8.43 0.88
C ASP A 55 3.68 9.94 0.78
N GLN A 56 2.62 10.74 0.88
CA GLN A 56 2.74 12.19 0.85
C GLN A 56 3.52 12.72 2.05
N PHE A 57 3.71 11.90 3.07
CA PHE A 57 4.35 12.38 4.32
C PHE A 57 5.82 11.93 4.35
N ARG A 58 6.25 11.30 3.27
CA ARG A 58 7.62 10.75 3.22
C ARG A 58 8.55 11.64 2.39
N ASP A 59 9.83 11.63 2.74
CA ASP A 59 10.82 12.35 1.91
C ASP A 59 10.96 11.58 0.60
N LYS A 60 11.14 12.30 -0.50
CA LYS A 60 11.22 11.66 -1.85
C LYS A 60 12.44 10.74 -1.98
N ASP A 61 13.53 10.99 -1.27
CA ASP A 61 14.76 10.18 -1.45
C ASP A 61 14.87 9.09 -0.38
N ASP A 62 14.27 9.29 0.80
CA ASP A 62 14.28 8.30 1.91
C ASP A 62 12.86 8.11 2.42
N ARG A 63 12.25 6.96 2.12
CA ARG A 63 10.84 6.68 2.51
C ARG A 63 10.67 6.68 4.03
N SER A 64 11.74 6.47 4.78
CA SER A 64 11.67 6.37 6.25
C SER A 64 11.75 7.76 6.89
N LYS A 65 12.01 8.78 6.07
CA LYS A 65 12.20 10.15 6.62
C LYS A 65 10.96 11.01 6.35
N PRO A 66 10.58 11.87 7.31
CA PRO A 66 9.47 12.76 7.11
C PRO A 66 9.75 13.79 6.01
N ARG A 67 8.72 14.10 5.24
CA ARG A 67 8.81 15.15 4.22
C ARG A 67 9.28 16.48 4.82
N ASP A 68 10.25 17.10 4.16
CA ASP A 68 10.65 18.47 4.47
C ASP A 68 9.90 19.45 3.58
N LEU A 69 9.29 20.46 4.19
CA LEU A 69 8.38 21.33 3.46
C LEU A 69 9.09 22.45 2.72
N THR A 70 10.38 22.66 2.97
CA THR A 70 11.17 23.49 2.08
C THR A 70 11.62 22.68 0.87
N LYS A 71 12.09 21.45 1.12
CA LYS A 71 12.51 20.57 0.03
C LYS A 71 11.34 20.24 -0.89
N GLN A 72 10.17 20.00 -0.34
CA GLN A 72 9.00 19.59 -1.10
C GLN A 72 7.80 20.37 -0.59
N PRO A 73 7.63 21.61 -1.08
CA PRO A 73 6.52 22.44 -0.60
C PRO A 73 5.17 21.81 -0.86
N LEU A 74 4.21 22.12 -0.01
CA LEU A 74 2.86 21.52 -0.13
C LEU A 74 2.12 22.15 -1.30
N PRO A 75 1.24 21.41 -1.99
CA PRO A 75 0.53 21.96 -3.14
C PRO A 75 -0.41 23.10 -2.71
N LYS A 76 -0.45 24.17 -3.50
CA LYS A 76 -1.26 25.37 -3.13
C LYS A 76 -2.74 25.11 -3.38
N ASP A 77 -3.05 24.18 -4.27
CA ASP A 77 -4.46 23.87 -4.61
C ASP A 77 -5.11 22.99 -3.55
N THR A 78 -4.64 23.06 -2.31
CA THR A 78 -5.15 22.16 -1.25
C THR A 78 -5.25 22.89 0.08
N ASN A 79 -5.92 22.28 1.05
CA ASN A 79 -5.95 22.83 2.42
C ASN A 79 -4.94 22.05 3.27
N TRP A 80 -3.95 21.45 2.64
CA TRP A 80 -3.02 20.56 3.37
C TRP A 80 -2.22 21.32 4.45
N ALA A 81 -1.86 22.57 4.18
CA ALA A 81 -1.09 23.35 5.16
C ALA A 81 -1.89 23.54 6.44
N ASP A 82 -3.23 23.58 6.33
CA ASP A 82 -4.07 23.75 7.51
C ASP A 82 -4.12 22.51 8.38
N HIS A 83 -3.67 21.36 7.90
CA HIS A 83 -3.78 20.13 8.66
C HIS A 83 -2.46 19.38 8.79
N TRP A 84 -1.37 19.92 8.25
CA TRP A 84 -0.15 19.13 8.07
C TRP A 84 0.45 18.71 9.40
N THR A 85 0.51 19.63 10.37
CA THR A 85 1.15 19.29 11.64
C THR A 85 0.51 18.07 12.30
N ALA A 86 -0.83 18.04 12.36
CA ALA A 86 -1.50 16.91 13.00
C ALA A 86 -1.34 15.64 12.15
N TRP A 87 -1.43 15.77 10.83
CA TRP A 87 -1.27 14.61 9.95
C TRP A 87 0.14 14.04 10.06
N ALA A 88 1.17 14.92 10.03
CA ALA A 88 2.55 14.45 10.09
C ALA A 88 2.84 13.78 11.42
N LYS A 89 2.25 14.29 12.51
CA LYS A 89 2.42 13.63 13.81
C LYS A 89 1.79 12.23 13.78
N ALA A 90 0.63 12.08 13.15
CA ALA A 90 0.04 10.76 13.04
C ALA A 90 0.88 9.85 12.15
N ALA A 91 1.50 10.42 11.11
CA ALA A 91 2.21 9.58 10.14
C ALA A 91 3.59 9.15 10.59
N LEU A 92 4.24 9.92 11.49
CA LEU A 92 5.64 9.68 11.78
C LEU A 92 5.98 8.25 12.19
N PRO A 93 5.32 7.64 13.18
CA PRO A 93 5.69 6.26 13.52
C PRO A 93 5.39 5.29 12.41
N LEU A 94 4.53 5.69 11.47
CA LEU A 94 4.08 4.77 10.41
C LEU A 94 5.05 4.75 9.23
N LEU A 95 5.98 5.69 9.19
CA LEU A 95 6.98 5.71 8.11
C LEU A 95 7.85 4.45 8.20
N ASN A 96 7.97 3.86 9.38
CA ASN A 96 8.68 2.57 9.54
C ASN A 96 7.76 1.44 9.07
N ASP A 97 8.14 0.70 8.04
CA ASP A 97 7.26 -0.35 7.45
C ASP A 97 6.87 -1.40 8.48
N GLU A 98 7.79 -1.77 9.38
CA GLU A 98 7.49 -2.77 10.43
C GLU A 98 6.45 -2.21 11.40
N THR A 99 6.58 -0.95 11.82
CA THR A 99 5.55 -0.34 12.71
C THR A 99 4.19 -0.29 12.00
N HIS A 100 4.20 0.07 10.71
CA HIS A 100 2.92 0.22 9.97
C HIS A 100 2.22 -1.14 9.84
N GLN A 101 2.96 -2.16 9.41
CA GLN A 101 2.38 -3.52 9.24
C GLN A 101 1.81 -4.00 10.57
N ALA A 102 2.49 -3.69 11.68
CA ALA A 102 2.01 -4.07 13.01
C ALA A 102 0.68 -3.38 13.31
N LYS A 103 0.63 -2.08 13.05
CA LYS A 103 -0.59 -1.30 13.36
C LYS A 103 -1.76 -1.82 12.53
N LEU A 104 -1.50 -2.19 11.28
CA LEU A 104 -2.56 -2.75 10.42
C LEU A 104 -3.11 -4.03 11.05
N LYS A 105 -2.22 -4.93 11.45
CA LYS A 105 -2.68 -6.17 12.13
C LYS A 105 -3.40 -5.81 13.44
N GLU A 106 -2.85 -4.88 14.21
CA GLU A 106 -3.44 -4.52 15.53
C GLU A 106 -4.86 -3.99 15.34
N TYR A 107 -5.06 -3.11 14.36
CA TYR A 107 -6.39 -2.49 14.15
C TYR A 107 -7.27 -3.42 13.33
N LYS A 108 -6.76 -4.62 13.02
CA LYS A 108 -7.56 -5.65 12.30
C LYS A 108 -7.93 -5.16 10.89
N LEU A 109 -6.98 -4.57 10.17
CA LEU A 109 -7.24 -4.13 8.78
C LEU A 109 -6.47 -5.01 7.82
N ALA A 110 -5.58 -5.85 8.35
CA ALA A 110 -4.78 -6.77 7.51
C ALA A 110 -5.65 -7.91 7.00
N GLY A 111 -5.45 -8.29 5.75
CA GLY A 111 -6.18 -9.44 5.19
C GLY A 111 -7.60 -9.11 4.78
N LEU A 112 -8.09 -7.93 5.16
CA LEU A 112 -9.43 -7.49 4.73
C LEU A 112 -9.44 -7.45 3.20
N GLN A 113 -10.39 -8.13 2.58
CA GLN A 113 -10.55 -8.06 1.10
C GLN A 113 -10.82 -6.60 0.69
N PRO A 114 -10.56 -6.19 -0.58
CA PRO A 114 -10.69 -4.78 -0.96
C PRO A 114 -12.03 -4.11 -0.60
N GLU A 115 -13.16 -4.74 -0.91
CA GLU A 115 -14.46 -4.07 -0.65
C GLU A 115 -14.64 -3.86 0.86
N LYS A 116 -14.26 -4.85 1.66
CA LYS A 116 -14.39 -4.75 3.13
C LYS A 116 -13.44 -3.68 3.67
N LEU A 117 -12.25 -3.57 3.09
CA LEU A 117 -11.28 -2.51 3.50
C LEU A 117 -11.88 -1.14 3.20
N GLU A 118 -12.46 -0.99 2.01
CA GLU A 118 -13.05 0.32 1.62
C GLU A 118 -14.13 0.72 2.63
N ARG A 119 -14.93 -0.25 3.06
CA ARG A 119 -16.05 0.10 3.96
C ARG A 119 -15.47 0.42 5.35
N ALA A 120 -14.46 -0.32 5.76
CA ALA A 120 -13.80 -0.01 7.05
C ALA A 120 -13.21 1.40 6.98
N ARG A 121 -12.55 1.71 5.86
CA ARG A 121 -11.92 3.04 5.69
C ARG A 121 -12.99 4.13 5.80
N ASN A 122 -14.14 3.90 5.17
CA ASN A 122 -15.23 4.90 5.15
C ASN A 122 -15.70 5.18 6.59
N THR A 123 -15.91 4.13 7.36
CA THR A 123 -16.43 4.30 8.75
C THR A 123 -15.36 5.02 9.59
N ILE A 124 -14.09 4.65 9.41
CA ILE A 124 -13.00 5.25 10.24
C ILE A 124 -12.89 6.73 9.89
N ARG A 125 -12.95 7.05 8.60
CA ARG A 125 -12.86 8.47 8.18
C ARG A 125 -14.05 9.25 8.76
N ARG A 126 -15.23 8.64 8.79
CA ARG A 126 -16.43 9.30 9.36
C ARG A 126 -16.26 9.51 10.87
N LEU A 127 -15.84 8.47 11.57
CA LEU A 127 -15.65 8.56 13.04
C LEU A 127 -14.55 9.59 13.35
N THR A 128 -13.51 9.64 12.53
CA THR A 128 -12.38 10.57 12.77
C THR A 128 -12.86 12.02 12.60
N ALA A 129 -13.65 12.28 11.56
CA ALA A 129 -14.22 13.64 11.36
C ALA A 129 -15.15 14.00 12.53
N GLU A 130 -15.86 13.00 13.04
CA GLU A 130 -16.75 13.26 14.19
C GLU A 130 -15.89 13.56 15.43
N ALA A 131 -14.82 12.79 15.64
CA ALA A 131 -13.96 13.03 16.79
C ALA A 131 -13.38 14.44 16.75
N VAL A 132 -12.89 14.86 15.59
CA VAL A 132 -12.34 16.21 15.45
C VAL A 132 -13.41 17.25 15.78
N ALA A 133 -14.62 17.10 15.24
CA ALA A 133 -15.64 18.10 15.48
C ALA A 133 -16.06 18.17 16.95
N LYS A 134 -16.00 17.05 17.66
CA LYS A 134 -16.29 17.07 19.09
C LYS A 134 -15.12 17.66 19.88
N ALA A 135 -13.90 17.25 19.57
CA ALA A 135 -12.72 17.74 20.26
C ALA A 135 -12.43 19.21 19.97
N GLN A 136 -12.92 19.74 18.86
CA GLN A 136 -12.65 21.12 18.47
C GLN A 136 -13.83 22.05 18.75
N ASP A 137 -14.74 21.63 19.63
CA ASP A 137 -15.84 22.49 20.02
C ASP A 137 -15.29 23.77 20.66
N PRO A 138 -15.92 24.93 20.44
CA PRO A 138 -15.41 26.16 21.06
C PRO A 138 -15.42 26.12 22.58
N THR A 139 -16.48 25.56 23.15
CA THR A 139 -16.61 25.46 24.63
C THR A 139 -15.60 24.44 25.15
N VAL A 140 -14.68 24.01 24.29
CA VAL A 140 -13.59 23.11 24.75
C VAL A 140 -12.39 24.01 24.98
N ALA A 141 -12.03 24.81 23.99
CA ALA A 141 -10.88 25.73 24.14
C ALA A 141 -11.22 26.77 25.22
N GLU A 142 -12.49 27.19 25.27
CA GLU A 142 -12.91 28.12 26.33
C GLU A 142 -12.68 27.43 27.66
N SER A 143 -13.38 26.32 27.88
CA SER A 143 -13.21 25.55 29.12
C SER A 143 -11.72 25.40 29.43
N THR A 144 -10.91 25.16 28.39
CA THR A 144 -9.48 24.90 28.62
C THR A 144 -8.82 26.18 29.13
N ALA A 145 -9.31 27.33 28.68
CA ALA A 145 -8.69 28.60 29.08
C ALA A 145 -9.17 28.98 30.49
N ASP A 146 -10.21 28.29 30.99
CA ASP A 146 -10.77 28.63 32.32
C ASP A 146 -10.05 27.83 33.40
N LEU A 147 -9.33 26.77 33.02
CA LEU A 147 -8.68 25.91 34.03
C LEU A 147 -7.46 26.63 34.62
N THR A 148 -7.27 26.55 35.94
CA THR A 148 -6.07 27.15 36.59
C THR A 148 -5.19 26.02 37.14
N THR A 149 -4.26 26.36 38.02
CA THR A 149 -3.40 25.32 38.63
C THR A 149 -3.34 25.47 40.15
N GLU A 150 -3.13 24.37 40.87
CA GLU A 150 -2.96 24.43 42.33
C GLU A 150 -1.97 25.55 42.62
N GLU A 151 -0.95 25.70 41.77
CA GLU A 151 0.09 26.72 42.02
C GLU A 151 -0.51 28.12 42.01
N ASP A 152 -1.18 28.51 40.94
CA ASP A 152 -1.68 29.91 40.84
C ASP A 152 -2.60 30.21 42.03
N LEU A 153 -3.45 29.25 42.40
CA LEU A 153 -4.39 29.46 43.52
C LEU A 153 -3.61 29.62 44.83
N GLN A 154 -2.65 28.74 45.07
CA GLN A 154 -1.84 28.79 46.30
C GLN A 154 -1.20 30.17 46.45
N LYS A 155 -0.70 30.76 45.36
CA LYS A 155 0.01 32.06 45.45
C LYS A 155 -0.97 33.16 45.83
N GLN A 156 -2.19 33.11 45.30
CA GLN A 156 -3.16 34.21 45.56
C GLN A 156 -3.68 34.11 47.01
N ILE A 157 -3.81 32.91 47.55
CA ILE A 157 -4.26 32.73 48.96
C ILE A 157 -3.16 33.28 49.87
N ASN A 158 -1.90 33.02 49.52
CA ASN A 158 -0.77 33.50 50.34
C ASN A 158 -0.71 35.03 50.26
N GLN A 159 -1.21 35.61 49.17
CA GLN A 159 -1.27 37.09 49.07
C GLN A 159 -2.29 37.66 50.05
N ALA A 160 -3.46 37.01 50.14
CA ALA A 160 -4.53 37.51 51.03
C ALA A 160 -4.13 37.31 52.49
N VAL A 161 -3.32 36.29 52.79
CA VAL A 161 -2.99 35.98 54.20
C VAL A 161 -1.68 36.67 54.59
N TYR A 162 -0.76 36.84 53.65
CA TYR A 162 0.56 37.34 54.00
C TYR A 162 1.05 38.49 53.13
N SER A 163 0.30 38.86 52.09
CA SER A 163 0.79 39.89 51.14
C SER A 163 2.08 39.38 50.49
N LYS A 164 2.25 38.07 50.41
CA LYS A 164 3.46 37.46 49.78
C LYS A 164 3.01 36.28 48.92
N ASP A 165 3.89 35.76 48.05
CA ASP A 165 3.48 34.68 47.13
C ASP A 165 3.71 33.32 47.79
N THR A 166 4.55 33.28 48.82
CA THR A 166 4.78 32.02 49.57
C THR A 166 4.63 32.27 51.07
N GLU A 167 4.20 31.26 51.80
CA GLU A 167 3.98 31.41 53.23
C GLU A 167 5.33 31.56 53.95
N PRO A 168 5.49 32.56 54.81
CA PRO A 168 6.76 32.71 55.51
C PRO A 168 7.05 31.51 56.41
N ASP A 169 8.34 31.23 56.62
CA ASP A 169 8.73 30.08 57.40
C ASP A 169 8.44 30.35 58.88
N ASP A 170 8.85 29.42 59.76
CA ASP A 170 8.47 29.53 61.16
C ASP A 170 9.06 30.76 61.84
N ASP A 171 10.18 31.29 61.34
CA ASP A 171 10.71 32.54 61.87
C ASP A 171 10.20 33.75 61.12
N PHE A 172 9.31 33.56 60.15
CA PHE A 172 8.75 34.64 59.35
C PHE A 172 9.84 35.45 58.66
N ASN A 173 10.90 34.75 58.23
CA ASN A 173 11.96 35.39 57.46
C ASN A 173 11.39 36.07 56.21
N GLY A 174 11.86 37.29 55.95
CA GLY A 174 11.41 38.06 54.82
C GLY A 174 10.14 38.83 55.03
N TYR A 175 9.44 38.57 56.14
CA TYR A 175 8.13 39.16 56.42
C TYR A 175 8.26 40.29 57.44
N THR A 176 7.46 41.34 57.23
CA THR A 176 7.39 42.47 58.15
C THR A 176 5.91 42.74 58.42
N ALA A 177 5.50 42.58 59.68
CA ALA A 177 4.10 42.70 60.03
C ALA A 177 3.58 44.10 59.73
N PHE A 178 2.30 44.18 59.39
CA PHE A 178 1.60 45.45 59.20
C PHE A 178 2.26 46.29 58.13
N GLU A 179 2.91 45.62 57.17
CA GLU A 179 3.60 46.26 56.04
C GLU A 179 4.56 47.36 56.48
N GLY A 180 5.15 47.21 57.67
CA GLY A 180 6.14 48.14 58.13
C GLY A 180 5.60 49.44 58.69
N LYS A 181 4.28 49.56 58.87
CA LYS A 181 3.66 50.83 59.24
C LYS A 181 3.14 50.84 60.68
N ALA A 182 3.41 49.78 61.45
CA ALA A 182 2.97 49.76 62.85
C ALA A 182 3.67 50.87 63.64
N SER A 183 2.91 51.55 64.51
CA SER A 183 3.50 52.64 65.27
C SER A 183 2.66 52.91 66.52
N THR A 184 3.29 53.60 67.48
CA THR A 184 2.65 54.25 68.61
C THR A 184 2.14 53.31 69.70
N ASN A 185 1.06 52.58 69.44
CA ASN A 185 0.48 51.70 70.46
C ASN A 185 -0.43 50.69 69.78
N ARG A 186 -0.90 49.72 70.57
CA ARG A 186 -1.74 48.65 70.03
C ARG A 186 -3.00 49.19 69.35
N GLN A 187 -3.64 50.21 69.94
CA GLN A 187 -4.87 50.68 69.33
C GLN A 187 -4.62 51.41 68.02
N THR A 188 -3.47 52.09 67.88
CA THR A 188 -3.14 52.68 66.59
C THR A 188 -2.92 51.59 65.54
N ILE A 189 -2.38 50.45 65.96
CA ILE A 189 -2.07 49.37 65.03
C ILE A 189 -3.31 48.59 64.66
N CYS A 190 -4.17 48.28 65.64
CA CYS A 190 -5.30 47.38 65.43
C CYS A 190 -6.63 48.11 65.20
N GLY A 191 -6.69 49.41 65.44
CA GLY A 191 -7.88 50.18 65.12
C GLY A 191 -8.79 50.38 66.31
N SER A 192 -9.90 51.05 66.03
CA SER A 192 -10.84 51.49 67.07
C SER A 192 -12.22 51.64 66.44
N ALA A 193 -13.13 52.26 67.20
CA ALA A 193 -14.45 52.58 66.67
C ALA A 193 -14.41 53.75 65.69
N VAL A 194 -13.31 54.48 65.64
CA VAL A 194 -13.18 55.62 64.74
C VAL A 194 -12.08 55.45 63.71
N ALA A 195 -11.10 54.58 63.92
CA ALA A 195 -9.97 54.46 63.00
C ALA A 195 -9.80 53.02 62.53
N GLY A 196 -9.38 52.88 61.26
CA GLY A 196 -9.03 51.58 60.74
C GLY A 196 -7.67 51.11 61.23
N SER A 197 -7.44 49.80 61.12
CA SER A 197 -6.19 49.20 61.55
C SER A 197 -5.12 49.35 60.47
N LYS A 198 -3.90 48.94 60.82
CA LYS A 198 -2.81 48.81 59.87
C LYS A 198 -2.70 47.40 59.29
N ALA A 199 -3.60 46.50 59.67
CA ALA A 199 -3.55 45.12 59.21
C ALA A 199 -4.22 45.02 57.85
N THR A 200 -3.43 44.77 56.79
CA THR A 200 -3.96 44.65 55.45
C THR A 200 -4.15 43.21 54.99
N ASN A 201 -3.71 42.22 55.77
CA ASN A 201 -3.85 40.83 55.36
C ASN A 201 -4.46 40.02 56.50
N ALA A 202 -4.66 38.73 56.24
CA ALA A 202 -5.34 37.88 57.22
C ALA A 202 -4.44 37.56 58.42
N MET A 203 -3.14 37.36 58.18
CA MET A 203 -2.24 37.02 59.28
C MET A 203 -2.15 38.16 60.29
N ASP A 204 -2.01 39.39 59.81
CA ASP A 204 -1.88 40.50 60.75
C ASP A 204 -3.20 40.81 61.45
N ALA A 205 -4.33 40.50 60.80
CA ALA A 205 -5.61 40.61 61.50
C ALA A 205 -5.69 39.61 62.65
N LEU A 206 -5.32 38.36 62.38
CA LEU A 206 -5.25 37.36 63.45
C LEU A 206 -4.32 37.81 64.58
N PHE A 207 -3.21 38.49 64.24
CA PHE A 207 -2.33 38.99 65.30
C PHE A 207 -3.03 40.01 66.18
N CYS A 208 -3.73 40.98 65.57
CA CYS A 208 -4.49 41.95 66.37
C CYS A 208 -5.54 41.28 67.25
N VAL A 209 -6.19 40.23 66.74
CA VAL A 209 -7.29 39.60 67.47
C VAL A 209 -6.78 38.72 68.61
N CYS A 210 -5.59 38.10 68.46
CA CYS A 210 -5.20 36.98 69.31
C CYS A 210 -3.88 37.16 70.06
N ALA A 211 -3.05 38.13 69.71
CA ALA A 211 -1.76 38.25 70.39
C ALA A 211 -1.95 38.73 71.82
N ASP A 212 -1.23 38.12 72.76
CA ASP A 212 -1.09 38.81 74.04
C ASP A 212 -0.02 39.89 73.89
N ASP A 213 0.04 40.79 74.89
CA ASP A 213 1.12 41.76 75.00
C ASP A 213 1.60 41.77 76.44
N ARG A 214 2.57 42.62 76.73
CA ARG A 214 3.22 42.62 78.07
C ARG A 214 2.30 43.05 79.21
N THR A 215 1.12 43.59 78.86
N THR A 215 1.13 43.59 78.87
CA THR A 215 0.22 44.12 79.91
CA THR A 215 0.22 44.12 79.92
C THR A 215 -1.04 43.28 80.10
C THR A 215 -1.04 43.28 80.10
N ASN A 216 -1.42 42.48 79.09
CA ASN A 216 -2.69 41.72 79.18
C ASN A 216 -2.51 40.20 79.30
N GLY A 217 -1.27 39.73 79.39
CA GLY A 217 -1.01 38.28 79.37
C GLY A 217 -1.83 37.49 80.37
N ALA A 218 -2.16 38.10 81.51
CA ALA A 218 -2.89 37.39 82.57
C ALA A 218 -4.40 37.57 82.41
N ASP A 219 -4.83 38.34 81.42
CA ASP A 219 -6.27 38.61 81.25
C ASP A 219 -6.66 38.53 79.76
N ALA A 220 -6.87 39.67 79.12
CA ALA A 220 -7.39 39.67 77.74
C ALA A 220 -6.46 38.93 76.75
N GLY A 221 -5.17 38.85 77.04
CA GLY A 221 -4.23 38.14 76.17
C GLY A 221 -4.49 36.65 76.07
N LYS A 222 -5.47 36.14 76.81
CA LYS A 222 -5.83 34.70 76.76
C LYS A 222 -7.15 34.52 75.99
N ALA A 223 -7.57 35.53 75.23
CA ALA A 223 -8.88 35.47 74.53
C ALA A 223 -8.95 34.30 73.55
N CYS A 224 -7.82 33.94 72.93
CA CYS A 224 -7.83 32.87 71.89
C CYS A 224 -7.26 31.55 72.41
N VAL A 225 -6.91 31.45 73.70
CA VAL A 225 -6.26 30.24 74.18
C VAL A 225 -7.06 29.55 75.28
N ALA A 226 -6.50 28.49 75.85
CA ALA A 226 -7.09 27.82 77.00
C ALA A 226 -6.14 27.87 78.19
N GLY A 227 -5.08 27.05 78.18
CA GLY A 227 -4.15 26.99 79.29
C GLY A 227 -3.25 28.20 79.46
N THR A 228 -2.42 28.49 78.46
CA THR A 228 -1.43 29.56 78.56
C THR A 228 -1.59 30.55 77.41
N ALA A 229 -1.28 31.80 77.71
CA ALA A 229 -1.30 32.84 76.70
C ALA A 229 -0.19 32.58 75.67
N PRO A 230 -0.33 33.14 74.47
CA PRO A 230 0.69 32.87 73.43
C PRO A 230 2.11 33.21 73.84
N GLY A 231 2.28 34.20 74.73
CA GLY A 231 3.61 34.54 75.23
C GLY A 231 4.45 35.35 74.26
N THR A 232 3.84 36.26 73.51
CA THR A 232 4.61 37.01 72.51
C THR A 232 5.65 37.91 73.17
N GLY A 233 5.30 38.57 74.28
CA GLY A 233 6.14 39.65 74.76
C GLY A 233 6.02 40.92 73.97
N TRP A 234 5.00 41.01 73.11
CA TRP A 234 4.77 42.19 72.29
C TRP A 234 4.62 43.42 73.16
N ASN A 235 5.37 44.48 72.83
CA ASN A 235 5.43 45.71 73.60
C ASN A 235 5.24 46.87 72.64
N PRO A 236 4.03 47.02 72.07
CA PRO A 236 3.87 47.96 70.93
C PRO A 236 4.06 49.42 71.30
N GLY A 237 4.04 49.78 72.58
CA GLY A 237 4.37 51.13 72.96
C GLY A 237 5.85 51.48 72.87
N VAL A 238 6.71 50.46 72.76
CA VAL A 238 8.15 50.65 72.64
C VAL A 238 8.65 50.22 71.26
N THR A 239 8.31 48.99 70.85
CA THR A 239 8.65 48.46 69.54
C THR A 239 7.34 48.02 68.90
N ALA A 240 6.79 48.85 68.01
CA ALA A 240 5.43 48.61 67.54
C ALA A 240 5.35 47.36 66.68
N THR A 241 6.35 47.12 65.84
CA THR A 241 6.31 45.99 64.92
C THR A 241 6.72 44.72 65.65
N PRO A 242 5.86 43.70 65.71
CA PRO A 242 6.24 42.45 66.38
C PRO A 242 7.25 41.67 65.56
N THR A 243 8.00 40.81 66.23
CA THR A 243 9.02 39.97 65.60
C THR A 243 8.40 38.69 65.02
N GLY A 244 9.19 37.98 64.22
CA GLY A 244 8.72 36.73 63.65
C GLY A 244 8.41 35.67 64.68
N THR A 245 9.18 35.62 65.77
CA THR A 245 8.90 34.69 66.85
C THR A 245 7.55 35.00 67.45
N MET A 246 7.25 36.28 67.58
CA MET A 246 5.99 36.77 68.11
C MET A 246 4.83 36.34 67.21
N LEU A 247 5.00 36.54 65.90
CA LEU A 247 3.97 36.16 64.93
C LEU A 247 3.74 34.65 64.90
N GLN A 248 4.80 33.86 65.04
CA GLN A 248 4.63 32.41 64.93
C GLN A 248 3.87 31.85 66.13
N LYS A 249 4.07 32.41 67.33
CA LYS A 249 3.32 31.99 68.51
C LYS A 249 1.82 32.21 68.34
N VAL A 250 1.42 33.11 67.44
CA VAL A 250 0.00 33.26 67.15
C VAL A 250 -0.43 32.33 66.01
N ARG A 251 0.38 32.23 64.95
CA ARG A 251 0.02 31.35 63.85
C ARG A 251 -0.14 29.91 64.28
N LYS A 252 0.63 29.48 65.28
CA LYS A 252 0.51 28.06 65.66
C LYS A 252 -0.82 27.73 66.33
N LEU A 253 -1.70 28.71 66.56
CA LEU A 253 -3.06 28.37 66.99
C LEU A 253 -3.88 27.78 65.85
N CYS A 254 -3.45 27.97 64.61
CA CYS A 254 -4.18 27.48 63.44
C CYS A 254 -3.57 26.18 62.95
N ASN A 255 -4.38 25.43 62.21
CA ASN A 255 -3.94 24.15 61.64
C ASN A 255 -3.12 24.42 60.38
N THR A 256 -1.80 24.45 60.51
CA THR A 256 -0.91 24.47 59.36
C THR A 256 -0.31 23.09 59.07
N HIS A 257 -0.95 22.02 59.50
CA HIS A 257 -0.38 20.68 59.41
C HIS A 257 -1.11 19.77 58.44
N GLY A 258 -2.24 20.21 57.88
CA GLY A 258 -3.02 19.35 57.02
C GLY A 258 -3.13 19.88 55.62
N LYS A 259 -4.20 19.49 54.93
CA LYS A 259 -4.45 20.01 53.57
C LYS A 259 -5.96 20.14 53.39
N THR A 260 -6.38 20.98 52.46
CA THR A 260 -7.82 21.17 52.19
C THR A 260 -8.09 20.97 50.70
N THR A 261 -9.04 20.10 50.37
CA THR A 261 -9.44 19.92 48.95
C THR A 261 -10.23 21.16 48.57
N LEU A 262 -9.61 22.08 47.82
CA LEU A 262 -10.24 23.38 47.52
C LEU A 262 -11.63 23.20 46.91
N SER A 263 -12.50 24.18 47.15
CA SER A 263 -13.90 24.13 46.68
C SER A 263 -14.44 25.56 46.82
N ALA A 264 -15.08 26.10 45.79
CA ALA A 264 -15.66 27.45 45.90
C ALA A 264 -16.54 27.53 47.16
N ALA A 265 -17.31 26.48 47.43
CA ALA A 265 -18.21 26.47 48.60
C ALA A 265 -17.38 26.54 49.88
N ALA A 266 -16.29 25.79 49.94
CA ALA A 266 -15.38 25.88 51.11
C ALA A 266 -14.97 27.34 51.29
N ILE A 267 -14.48 27.97 50.22
CA ILE A 267 -14.01 29.38 50.32
C ILE A 267 -15.19 30.27 50.74
N GLU A 268 -16.35 30.07 50.12
CA GLU A 268 -17.53 30.92 50.41
C GLU A 268 -17.86 30.83 51.90
N GLY A 269 -18.04 29.62 52.41
CA GLY A 269 -18.43 29.51 53.81
C GLY A 269 -17.44 30.16 54.75
N ARG A 270 -16.15 30.06 54.43
CA ARG A 270 -15.12 30.67 55.26
C ARG A 270 -15.16 32.20 55.16
N LEU A 271 -15.32 32.72 53.95
CA LEU A 271 -15.42 34.18 53.81
C LEU A 271 -16.67 34.71 54.50
N THR A 272 -17.78 33.98 54.37
CA THR A 272 -19.03 34.43 54.98
C THR A 272 -18.94 34.43 56.50
N ALA A 273 -18.26 33.44 57.08
CA ALA A 273 -18.08 33.40 58.53
C ALA A 273 -17.35 34.63 59.02
N VAL A 274 -16.22 34.97 58.39
CA VAL A 274 -15.49 36.18 58.77
C VAL A 274 -16.35 37.42 58.54
N GLY A 275 -16.93 37.53 57.35
CA GLY A 275 -17.62 38.76 56.97
C GLY A 275 -18.78 39.11 57.89
N ASN A 276 -19.52 38.10 58.36
CA ASN A 276 -20.69 38.36 59.18
C ASN A 276 -20.37 38.43 60.66
N LEU A 277 -19.15 38.04 61.07
CA LEU A 277 -18.71 38.40 62.41
C LEU A 277 -18.29 39.85 62.53
N LEU A 278 -18.01 40.52 61.41
CA LEU A 278 -17.76 41.96 61.43
C LEU A 278 -18.95 42.70 62.03
N THR A 279 -18.69 43.41 63.13
CA THR A 279 -19.70 44.17 63.86
C THR A 279 -19.75 45.59 63.29
N ARG A 280 -20.84 45.91 62.58
CA ARG A 280 -20.89 47.16 61.82
C ARG A 280 -21.29 48.33 62.71
N GLY A 281 -20.39 49.30 62.83
CA GLY A 281 -20.67 50.55 63.50
C GLY A 281 -20.73 51.70 62.50
N SER A 282 -20.85 52.90 63.05
CA SER A 282 -21.07 54.07 62.20
C SER A 282 -19.84 54.39 61.36
N ALA A 283 -18.65 54.22 61.92
CA ALA A 283 -17.41 54.57 61.23
C ALA A 283 -16.49 53.39 60.92
N THR A 284 -16.58 52.29 61.66
CA THR A 284 -15.78 51.10 61.42
C THR A 284 -16.61 49.85 61.66
N SER A 285 -16.09 48.73 61.19
CA SER A 285 -16.59 47.42 61.57
C SER A 285 -15.47 46.68 62.28
N ILE A 286 -15.83 45.94 63.34
CA ILE A 286 -14.86 45.38 64.28
C ILE A 286 -14.99 43.87 64.26
N LEU A 287 -13.85 43.17 64.19
CA LEU A 287 -13.80 41.72 64.30
C LEU A 287 -13.07 41.37 65.59
N GLY A 288 -13.77 40.72 66.51
CA GLY A 288 -13.19 40.41 67.79
C GLY A 288 -13.97 40.97 68.95
N SER A 289 -13.73 40.45 70.15
CA SER A 289 -14.38 40.97 71.35
C SER A 289 -14.09 42.46 71.52
N PHE A 290 -15.14 43.22 71.83
CA PHE A 290 -14.98 44.67 71.94
C PHE A 290 -15.95 45.15 72.99
N LEU A 291 -15.41 45.81 74.02
CA LEU A 291 -16.20 46.37 75.09
C LEU A 291 -16.27 47.89 75.02
N ALA A 292 -15.15 48.58 74.79
CA ALA A 292 -15.18 50.04 74.81
C ALA A 292 -14.02 50.63 74.01
N THR A 293 -14.34 51.69 73.27
CA THR A 293 -13.37 52.63 72.67
C THR A 293 -12.53 52.06 71.53
N ASP A 294 -11.63 51.12 71.81
CA ASP A 294 -10.64 50.75 70.79
C ASP A 294 -10.18 49.32 70.99
N CYS A 295 -9.32 48.87 70.06
CA CYS A 295 -8.72 47.55 70.08
C CYS A 295 -7.31 47.61 70.65
N SER A 296 -7.22 48.13 71.88
CA SER A 296 -5.95 48.31 72.58
C SER A 296 -5.41 47.03 73.21
N GLY A 297 -6.22 45.98 73.31
CA GLY A 297 -5.81 44.79 74.04
C GLY A 297 -6.11 44.82 75.53
N ASP A 298 -6.53 45.97 76.04
CA ASP A 298 -6.94 46.06 77.46
C ASP A 298 -8.23 45.24 77.66
N GLN A 299 -8.39 44.62 78.82
CA GLN A 299 -9.57 43.77 79.12
C GLN A 299 -10.86 44.59 79.11
N GLY A 300 -10.76 45.90 79.29
CA GLY A 300 -11.94 46.78 79.26
C GLY A 300 -12.17 47.44 77.92
N SER A 301 -11.28 47.21 76.96
CA SER A 301 -11.42 47.84 75.66
C SER A 301 -11.76 46.83 74.56
N GLY A 302 -10.76 46.11 74.08
CA GLY A 302 -10.99 45.21 72.97
C GLY A 302 -9.79 44.36 72.63
N MET A 303 -10.05 43.18 72.10
CA MET A 303 -9.08 42.27 71.48
C MET A 303 -9.62 42.06 70.08
N CYS A 304 -9.17 42.88 69.12
CA CYS A 304 -9.94 43.00 67.88
C CYS A 304 -9.13 43.75 66.84
N VAL A 305 -9.65 43.73 65.61
CA VAL A 305 -9.14 44.53 64.50
C VAL A 305 -10.32 45.25 63.86
N ALA A 306 -10.08 46.47 63.37
CA ALA A 306 -11.12 47.32 62.82
C ALA A 306 -10.85 47.62 61.36
N TYR A 307 -11.93 47.77 60.58
CA TYR A 307 -11.83 48.18 59.18
C TYR A 307 -12.76 49.35 58.91
N THR A 308 -12.25 50.36 58.21
CA THR A 308 -13.07 51.48 57.77
C THR A 308 -13.80 51.20 56.46
N GLU A 309 -13.50 50.09 55.77
CA GLU A 309 -14.05 49.89 54.43
C GLU A 309 -15.51 49.46 54.44
N VAL A 310 -15.99 48.84 55.53
CA VAL A 310 -17.39 48.48 55.67
C VAL A 310 -17.91 49.03 56.99
N THR A 311 -19.19 49.42 57.00
CA THR A 311 -19.84 50.09 58.13
C THR A 311 -21.30 49.64 58.18
N ASP A 312 -22.07 50.26 59.08
CA ASP A 312 -23.50 49.99 59.12
C ASP A 312 -24.25 50.74 58.02
N ALA A 313 -23.54 51.46 57.13
CA ALA A 313 -24.15 52.14 56.01
C ALA A 313 -23.55 51.79 54.64
N LYS A 314 -22.42 51.10 54.58
CA LYS A 314 -21.83 50.81 53.28
C LYS A 314 -20.89 49.62 53.37
N GLY A 315 -20.51 49.10 52.21
CA GLY A 315 -19.43 48.15 52.12
C GLY A 315 -19.83 46.70 52.19
N THR A 316 -19.19 45.87 51.36
CA THR A 316 -19.33 44.43 51.43
C THR A 316 -17.93 43.82 51.46
N PRO A 317 -17.65 42.93 52.42
CA PRO A 317 -16.26 42.52 52.66
C PRO A 317 -15.57 41.94 51.44
N THR A 318 -16.23 41.01 50.73
CA THR A 318 -15.52 40.35 49.62
C THR A 318 -15.33 41.27 48.43
N LYS A 319 -15.61 42.56 48.56
CA LYS A 319 -15.38 43.50 47.47
C LYS A 319 -14.62 44.73 47.94
N ASP A 320 -14.78 45.11 49.22
CA ASP A 320 -14.20 46.35 49.73
C ASP A 320 -13.08 46.16 50.74
N ILE A 321 -12.94 44.99 51.34
CA ILE A 321 -11.78 44.69 52.18
C ILE A 321 -10.77 43.96 51.29
N PRO A 322 -9.60 44.55 51.00
CA PRO A 322 -8.73 43.99 49.96
C PRO A 322 -8.37 42.51 50.14
N TRP A 323 -8.05 42.07 51.36
CA TRP A 323 -7.61 40.68 51.49
C TRP A 323 -8.76 39.69 51.31
N MET A 324 -9.98 40.07 51.72
CA MET A 324 -11.13 39.21 51.47
C MET A 324 -11.53 39.23 50.00
N GLN A 325 -11.27 40.33 49.32
CA GLN A 325 -11.54 40.37 47.87
C GLN A 325 -10.62 39.38 47.16
N LYS A 326 -9.33 39.41 47.51
CA LYS A 326 -8.34 38.52 46.86
C LYS A 326 -8.74 37.05 47.06
N LEU A 327 -9.31 36.72 48.21
CA LEU A 327 -9.62 35.29 48.46
C LEU A 327 -10.88 34.94 47.68
N ASP A 328 -11.80 35.90 47.56
CA ASP A 328 -13.02 35.67 46.76
C ASP A 328 -12.61 35.36 45.33
N SER A 329 -11.51 35.97 44.88
N SER A 329 -11.51 35.97 44.88
CA SER A 329 -11.00 35.71 43.51
CA SER A 329 -11.00 35.71 43.51
C SER A 329 -10.68 34.22 43.34
C SER A 329 -10.66 34.23 43.33
N VAL A 330 -10.12 33.61 44.38
CA VAL A 330 -9.77 32.16 44.32
C VAL A 330 -11.07 31.35 44.14
N ARG A 331 -12.10 31.68 44.93
CA ARG A 331 -13.40 31.00 44.79
C ARG A 331 -13.90 31.14 43.35
N ILE A 332 -13.85 32.35 42.82
CA ILE A 332 -14.38 32.60 41.46
C ILE A 332 -13.62 31.71 40.46
N LYS A 333 -12.31 31.70 40.56
CA LYS A 333 -11.47 30.91 39.63
C LYS A 333 -11.72 29.42 39.84
N LEU A 334 -12.09 29.02 41.05
CA LEU A 334 -12.36 27.58 41.33
C LEU A 334 -13.69 27.20 40.67
N GLN A 335 -14.67 28.09 40.70
CA GLN A 335 -15.98 27.82 40.07
C GLN A 335 -15.76 27.60 38.56
N LYS A 336 -15.17 28.58 37.90
CA LYS A 336 -14.88 28.45 36.45
C LYS A 336 -14.22 27.09 36.21
N HIS A 337 -13.15 26.81 36.94
CA HIS A 337 -12.40 25.55 36.73
C HIS A 337 -13.32 24.35 36.93
N GLU A 338 -14.18 24.40 37.93
CA GLU A 338 -15.03 23.21 38.23
C GLU A 338 -16.01 22.97 37.08
N ARG A 339 -16.56 24.04 36.52
CA ARG A 339 -17.52 23.91 35.41
C ARG A 339 -16.78 23.42 34.17
N ALA A 340 -15.57 23.95 33.95
CA ALA A 340 -14.76 23.53 32.78
C ALA A 340 -14.53 22.03 32.83
N VAL A 341 -14.02 21.53 33.96
CA VAL A 341 -13.76 20.08 34.09
C VAL A 341 -15.02 19.32 33.67
N GLU A 342 -16.19 19.77 34.14
CA GLU A 342 -17.47 19.11 33.77
C GLU A 342 -17.68 19.23 32.26
N LYS A 343 -17.43 20.40 31.68
CA LYS A 343 -17.72 20.53 30.23
C LYS A 343 -16.74 19.68 29.42
N LEU A 344 -15.48 19.59 29.86
CA LEU A 344 -14.45 18.85 29.11
C LEU A 344 -14.68 17.34 29.25
N GLY A 345 -15.64 16.94 30.07
CA GLY A 345 -15.95 15.52 30.27
C GLY A 345 -16.63 14.93 29.06
N LYS A 346 -17.57 15.67 28.46
CA LYS A 346 -18.35 15.13 27.32
C LYS A 346 -17.41 14.75 26.16
N PRO A 347 -16.55 15.62 25.62
CA PRO A 347 -15.63 15.19 24.55
C PRO A 347 -14.81 13.97 24.98
N GLN A 348 -14.33 13.95 26.22
CA GLN A 348 -13.54 12.82 26.68
C GLN A 348 -14.32 11.52 26.54
N HIS A 349 -15.56 11.49 27.02
CA HIS A 349 -16.34 10.26 26.96
C HIS A 349 -16.65 9.88 25.51
N ASP A 350 -16.96 10.87 24.67
CA ASP A 350 -17.33 10.56 23.29
C ASP A 350 -16.16 10.02 22.50
N LEU A 351 -14.97 10.56 22.74
CA LEU A 351 -13.78 10.09 22.05
C LEU A 351 -13.44 8.65 22.45
N LYS A 352 -13.68 8.29 23.71
CA LYS A 352 -13.48 6.91 24.12
C LYS A 352 -14.45 5.98 23.40
N THR A 353 -15.70 6.41 23.26
CA THR A 353 -16.69 5.63 22.52
C THR A 353 -16.27 5.44 21.07
N ILE A 354 -15.78 6.49 20.43
CA ILE A 354 -15.39 6.40 19.03
C ILE A 354 -14.21 5.45 18.85
N LEU A 355 -13.20 5.57 19.72
CA LEU A 355 -12.05 4.67 19.63
C LEU A 355 -12.46 3.20 19.78
N THR A 356 -13.50 2.93 20.59
CA THR A 356 -13.98 1.57 20.76
C THR A 356 -14.69 1.08 19.50
N LEU A 357 -15.49 1.94 18.88
CA LEU A 357 -16.18 1.57 17.66
C LEU A 357 -15.20 1.38 16.51
N ALA A 358 -14.17 2.22 16.44
CA ALA A 358 -13.20 2.13 15.35
C ALA A 358 -12.41 0.84 15.42
N LYS A 359 -12.32 0.23 16.60
CA LYS A 359 -11.60 -1.02 16.79
C LYS A 359 -12.53 -2.23 16.79
N ASP A 360 -13.80 -2.04 16.43
CA ASP A 360 -14.76 -3.14 16.35
C ASP A 360 -14.96 -3.50 14.88
N PRO A 361 -14.30 -4.54 14.37
CA PRO A 361 -14.39 -4.84 12.94
C PRO A 361 -15.82 -5.04 12.45
N ALA A 362 -16.67 -5.62 13.30
CA ALA A 362 -18.08 -5.79 12.94
C ALA A 362 -18.74 -4.45 12.72
N TYR A 363 -18.48 -3.47 13.58
CA TYR A 363 -19.17 -2.16 13.44
C TYR A 363 -18.71 -1.47 12.15
N LEU A 364 -17.42 -1.58 11.83
CA LEU A 364 -16.87 -0.86 10.66
C LEU A 364 -17.62 -1.29 9.40
N GLN A 365 -18.02 -2.56 9.33
CA GLN A 365 -18.78 -3.04 8.16
C GLN A 365 -20.23 -2.53 8.25
N LEU A 366 -20.85 -2.58 9.43
CA LEU A 366 -22.28 -2.19 9.57
C LEU A 366 -22.47 -0.71 9.26
N ALA A 367 -21.63 0.15 9.85
CA ALA A 367 -21.81 1.61 9.69
C ALA A 367 -21.41 2.11 8.30
N SER A 368 -20.90 1.24 7.44
CA SER A 368 -20.58 1.66 6.05
C SER A 368 -21.82 1.54 5.17
N ASN B 1 7.77 -53.39 -75.49
CA ASN B 1 7.66 -51.96 -75.78
C ASN B 1 6.93 -51.27 -74.66
N ILE B 2 7.20 -49.97 -74.51
CA ILE B 2 6.61 -49.16 -73.45
C ILE B 2 5.21 -48.73 -73.87
N GLY B 3 4.23 -48.98 -73.02
CA GLY B 3 2.84 -48.81 -73.38
C GLY B 3 2.00 -48.30 -72.24
N THR B 4 0.68 -48.27 -72.45
CA THR B 4 -0.29 -47.81 -71.46
C THR B 4 0.03 -48.34 -70.08
N GLY B 5 0.19 -47.41 -69.12
CA GLY B 5 0.27 -47.75 -67.72
C GLY B 5 1.62 -48.23 -67.24
N ASP B 6 2.63 -48.29 -68.10
CA ASP B 6 3.93 -48.86 -67.68
C ASP B 6 4.65 -47.96 -66.65
N ASN B 7 4.20 -46.72 -66.51
CA ASN B 7 4.91 -45.79 -65.59
C ASN B 7 4.02 -45.41 -64.39
N VAL B 8 2.99 -46.22 -64.10
CA VAL B 8 2.06 -45.86 -62.98
C VAL B 8 2.83 -45.85 -61.66
N LEU B 9 3.73 -46.82 -61.47
CA LEU B 9 4.58 -46.86 -60.26
C LEU B 9 5.38 -45.56 -60.11
N HIS B 10 6.01 -45.11 -61.19
CA HIS B 10 6.88 -43.91 -61.14
C HIS B 10 6.04 -42.63 -60.97
N ARG B 11 4.90 -42.58 -61.65
CA ARG B 11 3.98 -41.43 -61.51
C ARG B 11 3.54 -41.34 -60.05
N ALA B 12 3.12 -42.45 -59.48
CA ALA B 12 2.64 -42.48 -58.09
C ALA B 12 3.74 -41.96 -57.15
N ALA B 13 4.98 -42.38 -57.37
CA ALA B 13 6.10 -41.91 -56.52
C ALA B 13 6.32 -40.41 -56.68
N LEU B 14 6.29 -39.93 -57.91
CA LEU B 14 6.59 -38.49 -58.16
C LEU B 14 5.39 -37.62 -57.74
N CYS B 15 4.17 -38.10 -57.90
CA CYS B 15 2.99 -37.31 -57.46
C CYS B 15 3.02 -37.22 -55.93
N GLY B 16 3.61 -38.23 -55.27
CA GLY B 16 3.80 -38.14 -53.81
C GLY B 16 4.64 -36.93 -53.45
N ILE B 17 5.54 -36.53 -54.35
CA ILE B 17 6.32 -35.31 -54.11
C ILE B 17 5.51 -34.07 -54.47
N ILE B 18 4.89 -34.07 -55.67
CA ILE B 18 4.13 -32.91 -56.14
C ILE B 18 3.01 -32.55 -55.17
N GLU B 19 2.36 -33.54 -54.58
CA GLU B 19 1.21 -33.25 -53.73
C GLU B 19 1.61 -32.46 -52.48
N LEU B 20 2.90 -32.46 -52.12
CA LEU B 20 3.39 -31.71 -50.96
C LEU B 20 3.57 -30.23 -51.24
N ALA B 21 3.46 -29.82 -52.49
CA ALA B 21 3.84 -28.47 -52.91
C ALA B 21 2.69 -27.49 -52.72
N GLY B 22 2.80 -26.31 -53.33
CA GLY B 22 1.81 -25.28 -53.09
C GLY B 22 1.82 -24.87 -51.63
N LYS B 23 0.63 -24.75 -51.03
CA LYS B 23 0.54 -24.45 -49.58
C LYS B 23 -0.14 -25.66 -48.91
N ARG B 24 0.04 -26.85 -49.47
CA ARG B 24 -0.67 -28.04 -48.94
C ARG B 24 0.11 -28.70 -47.80
N ALA B 25 1.37 -28.33 -47.61
CA ALA B 25 2.16 -28.87 -46.49
C ALA B 25 1.83 -28.08 -45.21
N LYS B 26 1.32 -28.78 -44.21
CA LYS B 26 0.87 -28.10 -42.97
C LYS B 26 1.76 -28.45 -41.78
N LEU B 27 2.04 -27.46 -40.94
CA LEU B 27 2.80 -27.72 -39.71
C LEU B 27 1.82 -27.74 -38.53
N GLU B 28 1.72 -28.85 -37.82
CA GLU B 28 0.89 -28.88 -36.59
C GLU B 28 1.73 -28.31 -35.43
N THR B 29 1.12 -27.54 -34.54
CA THR B 29 1.84 -26.89 -33.40
C THR B 29 3.02 -26.06 -33.94
N ALA B 30 2.74 -24.93 -34.58
CA ALA B 30 3.79 -24.08 -35.15
C ALA B 30 4.31 -23.11 -34.08
N LEU B 31 3.50 -22.81 -33.07
CA LEU B 31 3.91 -21.81 -32.06
C LEU B 31 3.53 -22.30 -30.66
N PRO B 32 4.38 -23.08 -29.95
CA PRO B 32 4.10 -23.47 -28.56
C PRO B 32 4.14 -22.24 -27.65
N ASN B 33 3.40 -22.25 -26.53
CA ASN B 33 3.28 -21.04 -25.69
C ASN B 33 2.97 -21.40 -24.24
N PHE B 34 3.58 -20.70 -23.28
CA PHE B 34 3.30 -20.90 -21.84
C PHE B 34 2.98 -19.55 -21.18
N GLN B 35 2.87 -18.49 -21.99
CA GLN B 35 2.67 -17.13 -21.42
C GLN B 35 1.31 -17.01 -20.73
N ASN B 36 0.30 -17.68 -21.27
CA ASN B 36 -1.05 -17.64 -20.66
C ASN B 36 -0.94 -18.13 -19.22
N GLU B 37 -0.21 -19.22 -19.01
CA GLU B 37 -0.04 -19.80 -17.65
C GLU B 37 0.81 -18.86 -16.78
N LEU B 38 1.92 -18.36 -17.30
CA LEU B 38 2.77 -17.42 -16.54
C LEU B 38 1.94 -16.20 -16.15
N ASN B 39 1.24 -15.63 -17.13
CA ASN B 39 0.35 -14.47 -16.85
C ASN B 39 -0.66 -14.86 -15.77
N SER B 40 -1.23 -16.06 -15.85
CA SER B 40 -2.23 -16.46 -14.84
C SER B 40 -1.59 -16.58 -13.46
N ILE B 41 -0.37 -17.09 -13.39
CA ILE B 41 0.33 -17.19 -12.11
C ILE B 41 0.64 -15.81 -11.54
N LEU B 42 1.10 -14.88 -12.39
CA LEU B 42 1.41 -13.55 -11.88
C LEU B 42 0.14 -12.87 -11.36
N GLU B 43 -0.98 -13.11 -12.03
CA GLU B 43 -2.26 -12.55 -11.58
C GLU B 43 -2.67 -13.14 -10.25
N LEU B 44 -2.50 -14.46 -10.11
CA LEU B 44 -2.87 -15.12 -8.87
C LEU B 44 -2.00 -14.60 -7.73
N ASN B 45 -0.72 -14.36 -8.00
CA ASN B 45 0.15 -13.74 -7.00
C ASN B 45 -0.40 -12.39 -6.58
N MET B 46 -0.82 -11.57 -7.56
CA MET B 46 -1.40 -10.28 -7.22
C MET B 46 -2.73 -10.44 -6.49
N THR B 47 -3.49 -11.50 -6.79
CA THR B 47 -4.74 -11.74 -6.07
C THR B 47 -4.48 -12.02 -4.59
N ALA B 48 -3.44 -12.81 -4.30
CA ALA B 48 -3.12 -13.22 -2.94
C ALA B 48 -2.45 -12.10 -2.14
N ALA B 49 -1.94 -11.07 -2.82
CA ALA B 49 -1.20 -10.02 -2.15
C ALA B 49 -2.11 -9.22 -1.20
N GLU B 50 -1.47 -8.57 -0.23
CA GLU B 50 -2.25 -7.71 0.69
C GLU B 50 -2.95 -6.64 -0.15
N PRO B 51 -4.23 -6.35 0.14
CA PRO B 51 -4.97 -5.31 -0.59
C PRO B 51 -4.25 -3.94 -0.52
N THR B 52 -3.46 -3.71 0.51
CA THR B 52 -2.68 -2.45 0.63
C THR B 52 -1.56 -2.44 -0.40
N TRP B 53 -1.15 -3.61 -0.89
CA TRP B 53 -0.15 -3.64 -1.99
C TRP B 53 -0.87 -3.35 -3.30
N LEU B 54 -2.01 -4.01 -3.50
CA LEU B 54 -2.74 -3.74 -4.73
C LEU B 54 -3.11 -2.26 -4.84
N ASP B 55 -3.33 -1.59 -3.70
CA ASP B 55 -3.66 -0.16 -3.69
C ASP B 55 -2.59 0.68 -4.38
N GLN B 56 -1.35 0.19 -4.44
CA GLN B 56 -0.32 1.00 -5.06
C GLN B 56 -0.49 1.10 -6.58
N PHE B 57 -1.33 0.26 -7.17
CA PHE B 57 -1.51 0.17 -8.61
C PHE B 57 -2.75 0.94 -9.09
N ARG B 58 -3.47 1.58 -8.17
CA ARG B 58 -4.69 2.32 -8.46
C ARG B 58 -4.43 3.82 -8.69
N ASP B 59 -5.35 4.42 -9.43
CA ASP B 59 -5.33 5.89 -9.62
C ASP B 59 -5.94 6.51 -8.35
N LYS B 60 -5.40 7.62 -7.88
CA LYS B 60 -5.88 8.23 -6.60
C LYS B 60 -7.35 8.65 -6.68
N ASP B 61 -7.88 8.87 -7.88
CA ASP B 61 -9.27 9.40 -7.99
C ASP B 61 -10.26 8.31 -8.40
N ASP B 62 -9.79 7.27 -9.11
CA ASP B 62 -10.67 6.17 -9.55
C ASP B 62 -10.03 4.84 -9.16
N ARG B 63 -10.61 4.15 -8.18
CA ARG B 63 -10.04 2.89 -7.72
C ARG B 63 -10.04 1.83 -8.81
N SER B 64 -10.91 1.95 -9.80
CA SER B 64 -10.97 0.99 -10.90
C SER B 64 -10.00 1.31 -12.04
N LYS B 65 -9.28 2.45 -11.99
CA LYS B 65 -8.28 2.81 -12.99
C LYS B 65 -6.84 2.65 -12.48
N PRO B 66 -5.89 2.32 -13.38
CA PRO B 66 -4.52 2.11 -12.96
C PRO B 66 -3.76 3.41 -12.67
N ARG B 67 -2.77 3.29 -11.82
CA ARG B 67 -1.91 4.42 -11.50
C ARG B 67 -1.25 5.00 -12.75
N ASP B 68 -1.34 6.31 -12.90
CA ASP B 68 -0.64 7.05 -13.93
C ASP B 68 0.68 7.55 -13.34
N LEU B 69 1.80 7.08 -13.88
CA LEU B 69 3.08 7.38 -13.27
C LEU B 69 3.50 8.83 -13.46
N THR B 70 2.90 9.54 -14.42
CA THR B 70 3.15 10.97 -14.50
C THR B 70 2.36 11.73 -13.43
N LYS B 71 1.11 11.35 -13.21
CA LYS B 71 0.34 11.92 -12.11
C LYS B 71 0.90 11.52 -10.75
N GLN B 72 1.31 10.26 -10.60
CA GLN B 72 1.77 9.70 -9.31
C GLN B 72 3.06 8.92 -9.50
N PRO B 73 4.23 9.60 -9.57
CA PRO B 73 5.50 8.92 -9.73
C PRO B 73 5.77 7.87 -8.67
N LEU B 74 6.57 6.87 -9.03
CA LEU B 74 6.95 5.82 -8.06
C LEU B 74 8.03 6.35 -7.13
N PRO B 75 8.17 5.80 -5.91
CA PRO B 75 9.25 6.20 -5.02
C PRO B 75 10.61 5.70 -5.52
N LYS B 76 11.62 6.58 -5.52
CA LYS B 76 12.98 6.21 -6.00
C LYS B 76 13.63 5.30 -4.98
N ASP B 77 13.15 5.33 -3.74
CA ASP B 77 13.74 4.50 -2.65
C ASP B 77 13.23 3.07 -2.78
N THR B 78 13.01 2.59 -4.01
CA THR B 78 12.49 1.21 -4.24
C THR B 78 13.06 0.61 -5.53
N ASN B 79 12.76 -0.67 -5.79
CA ASN B 79 13.15 -1.31 -7.08
C ASN B 79 11.89 -1.43 -7.95
N TRP B 80 10.85 -0.69 -7.61
CA TRP B 80 9.53 -0.86 -8.27
C TRP B 80 9.59 -0.52 -9.76
N ALA B 81 10.36 0.48 -10.15
CA ALA B 81 10.40 0.88 -11.56
C ALA B 81 10.80 -0.29 -12.46
N ASP B 82 11.73 -1.12 -11.99
CA ASP B 82 12.17 -2.26 -12.78
C ASP B 82 11.10 -3.34 -12.93
N HIS B 83 10.10 -3.35 -12.05
CA HIS B 83 9.08 -4.40 -12.05
C HIS B 83 7.70 -3.89 -12.43
N TRP B 84 7.54 -2.59 -12.65
CA TRP B 84 6.19 -2.02 -12.69
C TRP B 84 5.36 -2.58 -13.84
N THR B 85 5.96 -2.75 -15.02
CA THR B 85 5.15 -3.16 -16.17
C THR B 85 4.46 -4.50 -15.93
N ALA B 86 5.20 -5.51 -15.47
CA ALA B 86 4.59 -6.83 -15.26
C ALA B 86 3.62 -6.81 -14.08
N TRP B 87 3.94 -6.05 -13.03
CA TRP B 87 3.02 -5.93 -11.91
C TRP B 87 1.72 -5.27 -12.34
N ALA B 88 1.83 -4.14 -13.05
CA ALA B 88 0.64 -3.43 -13.49
C ALA B 88 -0.21 -4.29 -14.43
N LYS B 89 0.44 -5.08 -15.28
CA LYS B 89 -0.29 -5.99 -16.16
C LYS B 89 -1.09 -7.00 -15.35
N ALA B 90 -0.50 -7.53 -14.28
CA ALA B 90 -1.20 -8.50 -13.44
C ALA B 90 -2.28 -7.84 -12.58
N ALA B 91 -2.04 -6.61 -12.14
CA ALA B 91 -2.98 -5.95 -11.25
C ALA B 91 -4.23 -5.44 -11.98
N LEU B 92 -4.10 -5.11 -13.27
CA LEU B 92 -5.18 -4.43 -13.99
C LEU B 92 -6.52 -5.13 -13.89
N PRO B 93 -6.66 -6.42 -14.20
CA PRO B 93 -7.98 -7.05 -14.05
C PRO B 93 -8.45 -7.05 -12.61
N LEU B 94 -7.52 -7.06 -11.65
CA LEU B 94 -7.89 -7.15 -10.25
C LEU B 94 -8.30 -5.80 -9.66
N LEU B 95 -8.17 -4.70 -10.41
CA LEU B 95 -8.63 -3.43 -9.87
C LEU B 95 -10.13 -3.45 -9.63
N ASN B 96 -10.86 -4.28 -10.38
CA ASN B 96 -12.30 -4.44 -10.20
C ASN B 96 -12.56 -5.38 -9.02
N ASP B 97 -13.27 -4.88 -8.00
CA ASP B 97 -13.46 -5.63 -6.77
C ASP B 97 -14.14 -6.98 -7.01
N GLU B 98 -15.06 -7.04 -7.97
CA GLU B 98 -15.78 -8.29 -8.23
C GLU B 98 -14.87 -9.34 -8.85
N THR B 99 -14.00 -8.92 -9.78
CA THR B 99 -13.00 -9.84 -10.34
C THR B 99 -12.06 -10.34 -9.26
N HIS B 100 -11.63 -9.45 -8.37
CA HIS B 100 -10.68 -9.84 -7.30
C HIS B 100 -11.29 -10.95 -6.45
N GLN B 101 -12.54 -10.75 -6.01
CA GLN B 101 -13.23 -11.76 -5.18
C GLN B 101 -13.46 -13.05 -5.99
N ALA B 102 -13.83 -12.91 -7.26
CA ALA B 102 -14.00 -14.11 -8.11
C ALA B 102 -12.70 -14.92 -8.15
N LYS B 103 -11.57 -14.24 -8.31
CA LYS B 103 -10.30 -14.95 -8.39
C LYS B 103 -9.89 -15.51 -7.03
N LEU B 104 -10.20 -14.77 -5.96
CA LEU B 104 -9.96 -15.28 -4.62
C LEU B 104 -10.77 -16.53 -4.36
N LYS B 105 -12.05 -16.53 -4.75
CA LYS B 105 -12.87 -17.71 -4.60
C LYS B 105 -12.37 -18.86 -5.47
N GLU B 106 -11.98 -18.56 -6.72
CA GLU B 106 -11.58 -19.63 -7.63
C GLU B 106 -10.38 -20.40 -7.07
N TYR B 107 -9.45 -19.68 -6.44
CA TYR B 107 -8.27 -20.31 -5.87
C TYR B 107 -8.44 -20.72 -4.42
N LYS B 108 -9.68 -20.75 -3.93
CA LYS B 108 -9.98 -21.21 -2.58
C LYS B 108 -9.17 -20.45 -1.53
N LEU B 109 -8.99 -19.15 -1.79
CA LEU B 109 -8.33 -18.27 -0.86
C LEU B 109 -9.29 -17.44 -0.03
N ALA B 110 -10.56 -17.34 -0.46
CA ALA B 110 -11.54 -16.55 0.26
C ALA B 110 -11.97 -17.24 1.55
N GLY B 111 -12.33 -16.44 2.54
CA GLY B 111 -12.74 -16.96 3.83
C GLY B 111 -11.61 -17.46 4.71
N LEU B 112 -10.37 -17.35 4.28
CA LEU B 112 -9.24 -17.78 5.09
C LEU B 112 -9.05 -16.82 6.26
N GLN B 113 -8.69 -17.36 7.42
CA GLN B 113 -8.28 -16.49 8.50
C GLN B 113 -6.95 -15.84 8.14
N PRO B 114 -6.71 -14.60 8.59
CA PRO B 114 -5.52 -13.86 8.11
C PRO B 114 -4.21 -14.61 8.28
N GLU B 115 -4.07 -15.40 9.35
CA GLU B 115 -2.85 -16.20 9.52
C GLU B 115 -2.75 -17.27 8.44
N LYS B 116 -3.85 -17.96 8.17
CA LYS B 116 -3.85 -18.96 7.09
C LYS B 116 -3.67 -18.29 5.73
N LEU B 117 -4.27 -17.12 5.54
CA LEU B 117 -4.06 -16.37 4.31
C LEU B 117 -2.60 -15.95 4.17
N GLU B 118 -1.94 -15.62 5.29
CA GLU B 118 -0.53 -15.26 5.18
C GLU B 118 0.31 -16.49 4.80
N ARG B 119 -0.03 -17.67 5.33
CA ARG B 119 0.69 -18.89 4.99
C ARG B 119 0.48 -19.25 3.52
N ALA B 120 -0.76 -19.15 3.04
CA ALA B 120 -1.05 -19.44 1.64
C ALA B 120 -0.29 -18.48 0.73
N ARG B 121 -0.29 -17.19 1.08
N ARG B 121 -0.29 -17.18 1.09
CA ARG B 121 0.42 -16.19 0.28
CA ARG B 121 0.42 -16.19 0.30
C ARG B 121 1.91 -16.53 0.20
C ARG B 121 1.90 -16.50 0.22
N ASN B 122 2.51 -16.95 1.32
CA ASN B 122 3.94 -17.28 1.29
C ASN B 122 4.24 -18.40 0.30
N THR B 123 3.38 -19.43 0.26
CA THR B 123 3.55 -20.48 -0.75
C THR B 123 3.38 -19.95 -2.17
N ILE B 124 2.32 -19.17 -2.41
CA ILE B 124 2.10 -18.61 -3.74
C ILE B 124 3.26 -17.75 -4.19
N ARG B 125 3.82 -16.93 -3.29
CA ARG B 125 4.97 -16.11 -3.67
C ARG B 125 6.14 -16.96 -4.12
N ARG B 126 6.35 -18.10 -3.46
CA ARG B 126 7.42 -19.00 -3.85
C ARG B 126 7.12 -19.68 -5.19
N LEU B 127 5.91 -20.24 -5.31
CA LEU B 127 5.43 -20.78 -6.59
C LEU B 127 5.59 -19.78 -7.73
N THR B 128 5.30 -18.50 -7.48
CA THR B 128 5.43 -17.46 -8.50
C THR B 128 6.89 -17.22 -8.90
N ALA B 129 7.78 -17.09 -7.92
CA ALA B 129 9.20 -16.96 -8.26
C ALA B 129 9.71 -18.19 -9.01
N GLU B 130 9.24 -19.38 -8.61
CA GLU B 130 9.58 -20.60 -9.33
C GLU B 130 9.14 -20.52 -10.79
N ALA B 131 7.94 -20.00 -11.03
CA ALA B 131 7.43 -19.94 -12.40
C ALA B 131 8.25 -18.99 -13.26
N VAL B 132 8.64 -17.85 -12.69
CA VAL B 132 9.38 -16.83 -13.48
C VAL B 132 10.73 -17.40 -13.93
N ALA B 133 11.40 -18.09 -13.03
CA ALA B 133 12.74 -18.66 -13.33
C ALA B 133 12.63 -19.71 -14.44
N LYS B 134 11.75 -20.68 -14.29
CA LYS B 134 11.54 -21.70 -15.35
C LYS B 134 11.28 -20.99 -16.68
N ALA B 135 10.49 -19.92 -16.67
CA ALA B 135 10.12 -19.26 -17.95
C ALA B 135 11.32 -18.52 -18.53
N GLN B 136 12.35 -18.25 -17.73
CA GLN B 136 13.49 -17.46 -18.26
C GLN B 136 14.71 -18.38 -18.45
N ASP B 137 14.53 -19.69 -18.28
CA ASP B 137 15.61 -20.65 -18.60
C ASP B 137 16.15 -20.38 -20.01
N PRO B 138 17.48 -20.38 -20.23
CA PRO B 138 18.05 -20.18 -21.57
C PRO B 138 17.56 -21.17 -22.63
N THR B 139 17.21 -22.38 -22.20
CA THR B 139 16.69 -23.41 -23.12
C THR B 139 15.48 -22.86 -23.89
N VAL B 140 14.68 -22.00 -23.24
CA VAL B 140 13.44 -21.51 -23.90
C VAL B 140 13.83 -20.70 -25.13
N ALA B 141 14.76 -19.76 -24.96
CA ALA B 141 15.25 -18.97 -26.11
C ALA B 141 15.83 -19.89 -27.16
N GLU B 142 16.69 -20.82 -26.74
CA GLU B 142 17.37 -21.71 -27.71
C GLU B 142 16.29 -22.41 -28.54
N SER B 143 15.29 -22.97 -27.87
CA SER B 143 14.31 -23.75 -28.62
C SER B 143 13.44 -22.86 -29.50
N THR B 144 13.04 -21.70 -28.99
CA THR B 144 12.24 -20.78 -29.80
C THR B 144 12.93 -20.43 -31.11
N ALA B 145 14.26 -20.30 -31.08
CA ALA B 145 14.98 -19.97 -32.31
C ALA B 145 15.01 -21.13 -33.30
N ASP B 146 14.90 -22.37 -32.82
CA ASP B 146 14.89 -23.55 -33.69
C ASP B 146 13.52 -23.82 -34.32
N LEU B 147 12.49 -23.10 -33.93
CA LEU B 147 11.19 -23.24 -34.59
C LEU B 147 11.29 -22.71 -36.02
N THR B 148 10.49 -23.28 -36.91
CA THR B 148 10.33 -22.72 -38.24
C THR B 148 8.88 -22.27 -38.40
N THR B 149 8.51 -21.91 -39.63
CA THR B 149 7.14 -21.53 -39.95
C THR B 149 6.63 -22.43 -41.07
N GLU B 150 5.30 -22.51 -41.17
CA GLU B 150 4.70 -23.20 -42.32
C GLU B 150 5.17 -22.59 -43.63
N GLU B 151 5.18 -21.25 -43.71
CA GLU B 151 5.56 -20.58 -44.95
C GLU B 151 7.01 -20.89 -45.33
N ASP B 152 7.90 -20.99 -44.35
CA ASP B 152 9.29 -21.28 -44.65
C ASP B 152 9.45 -22.68 -45.24
N LEU B 153 8.73 -23.67 -44.69
CA LEU B 153 8.87 -25.03 -45.19
C LEU B 153 8.20 -25.18 -46.55
N GLN B 154 7.05 -24.51 -46.74
CA GLN B 154 6.35 -24.55 -48.02
C GLN B 154 7.19 -23.94 -49.12
N LYS B 155 7.90 -22.86 -48.81
CA LYS B 155 8.76 -22.24 -49.81
C LYS B 155 9.86 -23.19 -50.25
N GLN B 156 10.41 -23.97 -49.31
CA GLN B 156 11.49 -24.88 -49.67
C GLN B 156 10.97 -26.11 -50.41
N ILE B 157 9.74 -26.54 -50.13
CA ILE B 157 9.12 -27.61 -50.90
C ILE B 157 8.92 -27.16 -52.35
N ASN B 158 8.37 -25.96 -52.54
CA ASN B 158 8.16 -25.48 -53.92
C ASN B 158 9.48 -25.23 -54.64
N GLN B 159 10.55 -24.92 -53.91
CA GLN B 159 11.85 -24.85 -54.57
C GLN B 159 12.31 -26.22 -55.06
N ALA B 160 12.07 -27.29 -54.28
CA ALA B 160 12.41 -28.62 -54.74
C ALA B 160 11.60 -29.00 -55.98
N VAL B 161 10.33 -28.62 -56.01
CA VAL B 161 9.42 -29.10 -57.04
C VAL B 161 9.46 -28.22 -58.28
N TYR B 162 9.59 -26.92 -58.08
CA TYR B 162 9.42 -25.95 -59.15
C TYR B 162 10.60 -25.02 -59.34
N SER B 163 11.56 -25.01 -58.41
CA SER B 163 12.65 -24.03 -58.38
C SER B 163 12.12 -22.62 -58.15
N LYS B 164 10.96 -22.52 -57.50
CA LYS B 164 10.33 -21.24 -57.19
C LYS B 164 9.78 -21.30 -55.76
N ASP B 165 9.60 -20.12 -55.16
CA ASP B 165 9.05 -20.07 -53.80
C ASP B 165 7.58 -20.43 -53.76
N THR B 166 6.85 -20.21 -54.87
CA THR B 166 5.42 -20.44 -54.89
C THR B 166 5.06 -21.33 -56.07
N GLU B 167 3.99 -22.09 -55.88
CA GLU B 167 3.55 -23.05 -56.93
C GLU B 167 2.95 -22.27 -58.10
N PRO B 168 3.39 -22.56 -59.34
CA PRO B 168 2.80 -21.92 -60.50
C PRO B 168 1.30 -22.20 -60.62
N ASP B 169 0.57 -21.24 -61.19
CA ASP B 169 -0.89 -21.38 -61.36
C ASP B 169 -1.22 -22.41 -62.45
N ASP B 170 -2.50 -22.57 -62.76
CA ASP B 170 -2.92 -23.61 -63.74
C ASP B 170 -2.41 -23.30 -65.15
N ASP B 171 -1.91 -22.09 -65.40
CA ASP B 171 -1.32 -21.75 -66.72
C ASP B 171 0.20 -21.74 -66.63
N PHE B 172 0.75 -22.05 -65.45
CA PHE B 172 2.21 -22.03 -65.23
C PHE B 172 2.79 -20.66 -65.57
N ASN B 173 2.03 -19.61 -65.22
CA ASN B 173 2.49 -18.22 -65.47
C ASN B 173 3.80 -17.94 -64.71
N GLY B 174 4.76 -17.34 -65.38
CA GLY B 174 6.05 -16.99 -64.80
C GLY B 174 7.05 -18.13 -64.72
N TYR B 175 6.68 -19.32 -65.19
CA TYR B 175 7.51 -20.51 -65.11
C TYR B 175 8.07 -20.89 -66.47
N THR B 176 9.33 -21.31 -66.51
CA THR B 176 9.94 -21.91 -67.70
C THR B 176 10.52 -23.27 -67.34
N ALA B 177 10.07 -24.30 -68.07
CA ALA B 177 10.51 -25.65 -67.79
C ALA B 177 11.98 -25.84 -68.17
N PHE B 178 12.62 -26.79 -67.48
CA PHE B 178 14.02 -27.17 -67.74
C PHE B 178 14.98 -25.99 -67.61
N GLU B 179 14.59 -25.02 -66.76
CA GLU B 179 15.39 -23.83 -66.44
C GLU B 179 15.78 -23.04 -67.69
N GLY B 180 14.96 -23.14 -68.74
CA GLY B 180 15.24 -22.44 -69.97
C GLY B 180 16.29 -23.08 -70.85
N LYS B 181 16.74 -24.29 -70.53
CA LYS B 181 17.84 -24.91 -71.25
C LYS B 181 17.41 -26.10 -72.11
N ALA B 182 16.12 -26.28 -72.34
CA ALA B 182 15.71 -27.37 -73.22
C ALA B 182 16.16 -27.08 -74.64
N SER B 183 16.56 -28.13 -75.36
CA SER B 183 16.97 -27.96 -76.74
C SER B 183 16.94 -29.30 -77.46
N THR B 184 16.90 -29.22 -78.80
CA THR B 184 17.20 -30.31 -79.73
C THR B 184 16.11 -31.35 -79.85
N ASN B 185 15.88 -32.17 -78.82
CA ASN B 185 14.94 -33.28 -78.92
C ASN B 185 14.70 -33.82 -77.52
N ARG B 186 13.77 -34.77 -77.42
CA ARG B 186 13.36 -35.24 -76.10
C ARG B 186 14.52 -35.93 -75.37
N GLN B 187 15.37 -36.67 -76.08
CA GLN B 187 16.42 -37.40 -75.38
C GLN B 187 17.49 -36.46 -74.86
N THR B 188 17.73 -35.35 -75.58
CA THR B 188 18.62 -34.31 -75.06
C THR B 188 18.05 -33.69 -73.79
N ILE B 189 16.73 -33.56 -73.74
CA ILE B 189 16.08 -32.93 -72.60
C ILE B 189 16.00 -33.87 -71.41
N CYS B 190 15.64 -35.13 -71.64
CA CYS B 190 15.32 -36.04 -70.55
C CYS B 190 16.46 -36.99 -70.19
N GLY B 191 17.47 -37.13 -71.06
CA GLY B 191 18.66 -37.90 -70.73
C GLY B 191 18.69 -39.27 -71.37
N SER B 192 19.75 -40.01 -71.04
CA SER B 192 20.07 -41.27 -71.72
C SER B 192 20.92 -42.13 -70.80
N ALA B 193 21.41 -43.25 -71.33
CA ALA B 193 22.34 -44.09 -70.59
C ALA B 193 23.72 -43.45 -70.48
N VAL B 194 23.97 -42.36 -71.21
CA VAL B 194 25.27 -41.71 -71.16
C VAL B 194 25.19 -40.25 -70.69
N ALA B 195 24.03 -39.61 -70.70
CA ALA B 195 23.99 -38.18 -70.34
C ALA B 195 22.80 -37.86 -69.45
N GLY B 196 22.99 -36.83 -68.62
CA GLY B 196 21.94 -36.41 -67.72
C GLY B 196 20.86 -35.61 -68.41
N SER B 197 19.81 -35.30 -67.65
N SER B 197 19.83 -35.30 -67.64
CA SER B 197 18.71 -34.51 -68.15
CA SER B 197 18.68 -34.51 -68.09
C SER B 197 18.95 -33.02 -67.89
C SER B 197 18.88 -33.03 -67.80
N LYS B 198 18.08 -32.20 -68.47
CA LYS B 198 18.03 -30.78 -68.16
C LYS B 198 17.06 -30.48 -67.02
N ALA B 199 16.31 -31.46 -66.54
CA ALA B 199 15.35 -31.26 -65.45
C ALA B 199 16.08 -31.22 -64.11
N THR B 200 16.01 -30.08 -63.43
CA THR B 200 16.64 -29.92 -62.12
C THR B 200 15.67 -30.06 -60.96
N ASN B 201 14.35 -30.11 -61.21
CA ASN B 201 13.38 -30.18 -60.14
C ASN B 201 12.44 -31.37 -60.35
N ALA B 202 11.51 -31.54 -59.41
CA ALA B 202 10.64 -32.72 -59.43
C ALA B 202 9.57 -32.60 -60.52
N MET B 203 9.02 -31.38 -60.75
CA MET B 203 8.01 -31.17 -61.78
C MET B 203 8.52 -31.54 -63.18
N ASP B 204 9.67 -30.99 -63.55
CA ASP B 204 10.21 -31.24 -64.89
C ASP B 204 10.59 -32.71 -65.04
N ALA B 205 11.01 -33.33 -63.93
CA ALA B 205 11.22 -34.78 -63.91
C ALA B 205 9.92 -35.52 -64.25
N LEU B 206 8.84 -35.17 -63.54
CA LEU B 206 7.53 -35.77 -63.82
C LEU B 206 7.15 -35.58 -65.29
N PHE B 207 7.44 -34.40 -65.85
CA PHE B 207 7.13 -34.16 -67.26
C PHE B 207 7.90 -35.11 -68.19
N CYS B 208 9.20 -35.32 -67.92
CA CYS B 208 9.96 -36.26 -68.74
C CYS B 208 9.41 -37.70 -68.62
N VAL B 209 8.94 -38.06 -67.44
CA VAL B 209 8.49 -39.47 -67.24
C VAL B 209 7.05 -39.70 -67.74
N CYS B 210 6.18 -38.68 -67.78
CA CYS B 210 4.74 -38.94 -68.07
C CYS B 210 4.13 -38.19 -69.26
N ALA B 211 4.85 -37.23 -69.82
CA ALA B 211 4.24 -36.42 -70.89
C ALA B 211 4.20 -37.17 -72.21
N ASP B 212 3.05 -37.14 -72.86
CA ASP B 212 3.08 -37.60 -74.23
C ASP B 212 3.66 -36.49 -75.09
N ASP B 213 3.93 -36.82 -76.35
CA ASP B 213 4.35 -35.83 -77.32
C ASP B 213 3.68 -36.17 -78.64
N ARG B 214 3.99 -35.39 -79.68
CA ARG B 214 3.28 -35.55 -80.93
C ARG B 214 3.66 -36.82 -81.66
N THR B 215 4.77 -37.47 -81.27
CA THR B 215 5.27 -38.69 -81.92
C THR B 215 4.86 -39.98 -81.21
N ASN B 216 4.74 -39.99 -79.88
CA ASN B 216 4.58 -41.24 -79.15
C ASN B 216 3.18 -41.46 -78.61
N GLY B 217 2.21 -40.62 -78.98
CA GLY B 217 0.90 -40.68 -78.34
C GLY B 217 0.12 -41.95 -78.62
N ALA B 218 0.46 -42.70 -79.67
CA ALA B 218 -0.21 -43.97 -79.94
C ALA B 218 0.12 -45.03 -78.88
N ASP B 219 1.21 -44.88 -78.15
CA ASP B 219 1.68 -45.98 -77.31
C ASP B 219 2.45 -45.51 -76.08
N ALA B 220 3.71 -45.12 -76.24
CA ALA B 220 4.51 -44.80 -75.06
C ALA B 220 3.98 -43.57 -74.33
N GLY B 221 3.35 -42.63 -75.05
CA GLY B 221 2.81 -41.44 -74.36
C GLY B 221 1.71 -41.73 -73.37
N LYS B 222 1.18 -42.95 -73.33
CA LYS B 222 0.16 -43.31 -72.37
C LYS B 222 0.74 -44.03 -71.15
N ALA B 223 2.04 -43.95 -70.96
CA ALA B 223 2.70 -44.73 -69.88
C ALA B 223 2.15 -44.40 -68.49
N CYS B 224 1.72 -43.16 -68.27
CA CYS B 224 1.30 -42.74 -66.92
C CYS B 224 -0.23 -42.66 -66.79
N VAL B 225 -0.98 -43.06 -67.81
CA VAL B 225 -2.45 -42.84 -67.80
C VAL B 225 -3.24 -44.13 -68.01
N ALA B 226 -4.57 -44.00 -68.04
CA ALA B 226 -5.39 -45.16 -68.35
C ALA B 226 -5.84 -45.08 -69.81
N GLY B 227 -7.04 -44.52 -70.07
CA GLY B 227 -7.57 -44.53 -71.42
C GLY B 227 -7.08 -43.43 -72.34
N THR B 228 -6.80 -42.25 -71.80
CA THR B 228 -6.53 -41.04 -72.59
C THR B 228 -5.18 -40.44 -72.25
N ALA B 229 -4.36 -40.20 -73.26
CA ALA B 229 -3.04 -39.61 -73.03
C ALA B 229 -3.20 -38.17 -72.54
N PRO B 230 -2.17 -37.60 -71.92
CA PRO B 230 -2.29 -36.20 -71.43
C PRO B 230 -2.62 -35.20 -72.53
N GLY B 231 -2.25 -35.49 -73.77
CA GLY B 231 -2.59 -34.64 -74.91
C GLY B 231 -1.78 -33.37 -74.99
N THR B 232 -0.49 -33.42 -74.63
CA THR B 232 0.30 -32.19 -74.60
C THR B 232 0.45 -31.56 -75.97
N GLY B 233 0.67 -32.36 -77.01
CA GLY B 233 1.10 -31.78 -78.27
C GLY B 233 2.53 -31.31 -78.28
N TRP B 234 3.30 -31.64 -77.24
CA TRP B 234 4.73 -31.35 -77.19
C TRP B 234 5.45 -31.86 -78.43
N ASN B 235 6.33 -31.02 -78.97
CA ASN B 235 7.04 -31.32 -80.22
C ASN B 235 8.47 -30.85 -80.07
N PRO B 236 9.25 -31.52 -79.20
CA PRO B 236 10.54 -30.95 -78.79
C PRO B 236 11.60 -30.92 -79.89
N GLY B 237 11.39 -31.66 -80.99
CA GLY B 237 12.28 -31.50 -82.14
C GLY B 237 12.08 -30.19 -82.87
N VAL B 238 10.95 -29.53 -82.65
CA VAL B 238 10.64 -28.23 -83.26
C VAL B 238 10.76 -27.10 -82.24
N THR B 239 10.04 -27.21 -81.13
CA THR B 239 10.08 -26.22 -80.07
C THR B 239 10.37 -26.96 -78.77
N ALA B 240 11.59 -26.79 -78.27
CA ALA B 240 12.08 -27.65 -77.20
C ALA B 240 11.31 -27.44 -75.89
N THR B 241 11.02 -26.19 -75.55
CA THR B 241 10.45 -25.90 -74.23
C THR B 241 8.94 -26.10 -74.25
N PRO B 242 8.40 -27.00 -73.41
CA PRO B 242 6.94 -27.15 -73.35
C PRO B 242 6.26 -25.92 -72.78
N THR B 243 5.05 -25.67 -73.25
CA THR B 243 4.29 -24.53 -72.73
C THR B 243 3.65 -24.89 -71.38
N GLY B 244 3.16 -23.86 -70.69
CA GLY B 244 2.48 -24.08 -69.42
C GLY B 244 1.22 -24.92 -69.58
N THR B 245 0.52 -24.78 -70.70
CA THR B 245 -0.63 -25.65 -70.96
C THR B 245 -0.23 -27.12 -70.98
N MET B 246 0.93 -27.45 -71.57
CA MET B 246 1.38 -28.85 -71.57
C MET B 246 1.84 -29.29 -70.19
N LEU B 247 2.53 -28.43 -69.45
CA LEU B 247 2.94 -28.81 -68.07
C LEU B 247 1.71 -29.14 -67.21
N GLN B 248 0.64 -28.35 -67.32
CA GLN B 248 -0.57 -28.57 -66.47
C GLN B 248 -1.25 -29.90 -66.81
N LYS B 249 -1.20 -30.33 -68.07
CA LYS B 249 -1.90 -31.57 -68.48
C LYS B 249 -1.21 -32.78 -67.82
N VAL B 250 0.03 -32.63 -67.38
CA VAL B 250 0.76 -33.72 -66.66
C VAL B 250 0.58 -33.56 -65.13
N ARG B 251 0.60 -32.32 -64.64
CA ARG B 251 0.45 -32.08 -63.17
C ARG B 251 -0.94 -32.52 -62.73
N LYS B 252 -1.92 -32.40 -63.62
N LYS B 252 -1.92 -32.42 -63.63
CA LYS B 252 -3.31 -32.83 -63.30
CA LYS B 252 -3.31 -32.80 -63.28
C LYS B 252 -3.32 -34.27 -62.80
C LYS B 252 -3.37 -34.30 -62.88
N LEU B 253 -2.35 -35.06 -63.26
CA LEU B 253 -2.31 -36.51 -62.88
C LEU B 253 -2.11 -36.62 -61.38
N CYS B 254 -1.59 -35.58 -60.76
CA CYS B 254 -1.28 -35.61 -59.31
C CYS B 254 -2.37 -34.94 -58.47
N ASN B 255 -2.46 -35.35 -57.21
CA ASN B 255 -3.39 -34.81 -56.23
C ASN B 255 -2.88 -33.45 -55.74
N THR B 256 -3.35 -32.38 -56.36
CA THR B 256 -3.10 -31.03 -55.86
C THR B 256 -4.31 -30.50 -55.08
N HIS B 257 -5.21 -31.38 -54.67
CA HIS B 257 -6.50 -30.93 -54.09
C HIS B 257 -6.67 -31.27 -52.61
N GLY B 258 -5.60 -31.74 -51.98
CA GLY B 258 -5.70 -32.16 -50.57
C GLY B 258 -4.69 -31.42 -49.71
N LYS B 259 -4.33 -32.02 -48.58
CA LYS B 259 -3.37 -31.39 -47.66
C LYS B 259 -2.58 -32.50 -46.96
N THR B 260 -1.33 -32.22 -46.62
CA THR B 260 -0.51 -33.23 -45.93
C THR B 260 0.07 -32.60 -44.66
N THR B 261 -0.27 -33.18 -43.51
CA THR B 261 0.36 -32.71 -42.24
C THR B 261 1.78 -33.23 -42.27
N LEU B 262 2.75 -32.33 -42.30
CA LEU B 262 4.15 -32.75 -42.46
C LEU B 262 4.66 -33.60 -41.29
N SER B 263 5.25 -34.76 -41.59
CA SER B 263 5.95 -35.56 -40.60
C SER B 263 7.25 -36.05 -41.21
N ALA B 264 8.22 -36.40 -40.35
CA ALA B 264 9.47 -36.92 -40.87
C ALA B 264 9.26 -38.19 -41.68
N ALA B 265 8.41 -39.10 -41.19
CA ALA B 265 8.20 -40.37 -41.88
C ALA B 265 7.48 -40.18 -43.21
N ALA B 266 6.64 -39.15 -43.34
CA ALA B 266 5.97 -38.90 -44.60
C ALA B 266 6.95 -38.45 -45.68
N ILE B 267 7.92 -37.60 -45.32
CA ILE B 267 8.92 -37.15 -46.28
C ILE B 267 9.92 -38.27 -46.56
N GLU B 268 10.45 -38.90 -45.50
CA GLU B 268 11.41 -39.98 -45.68
C GLU B 268 10.83 -41.07 -46.57
N GLY B 269 9.58 -41.45 -46.35
CA GLY B 269 8.99 -42.52 -47.14
C GLY B 269 8.85 -42.15 -48.60
N ARG B 270 8.50 -40.89 -48.87
CA ARG B 270 8.31 -40.44 -50.27
C ARG B 270 9.67 -40.40 -50.98
N LEU B 271 10.69 -39.89 -50.31
CA LEU B 271 12.03 -39.76 -50.94
C LEU B 271 12.65 -41.14 -51.15
N THR B 272 12.37 -42.07 -50.25
CA THR B 272 12.92 -43.44 -50.36
C THR B 272 12.23 -44.13 -51.55
N ALA B 273 10.94 -43.87 -51.72
CA ALA B 273 10.24 -44.45 -52.86
C ALA B 273 10.89 -44.03 -54.17
N VAL B 274 11.07 -42.73 -54.37
CA VAL B 274 11.71 -42.25 -55.61
C VAL B 274 13.14 -42.77 -55.69
N GLY B 275 13.89 -42.65 -54.59
CA GLY B 275 15.31 -42.98 -54.61
C GLY B 275 15.60 -44.42 -54.99
N ASN B 276 14.82 -45.36 -54.46
CA ASN B 276 15.08 -46.76 -54.81
C ASN B 276 14.44 -47.20 -56.12
N LEU B 277 13.56 -46.38 -56.72
CA LEU B 277 13.12 -46.65 -58.09
C LEU B 277 14.18 -46.28 -59.12
N LEU B 278 15.18 -45.49 -58.72
CA LEU B 278 16.25 -45.14 -59.65
C LEU B 278 17.03 -46.40 -60.04
N THR B 279 17.05 -46.70 -61.34
CA THR B 279 17.76 -47.85 -61.87
C THR B 279 19.21 -47.48 -62.14
N ARG B 280 20.13 -47.99 -61.32
CA ARG B 280 21.51 -47.50 -61.33
C ARG B 280 22.35 -48.20 -62.41
N GLY B 281 22.83 -47.42 -63.38
CA GLY B 281 23.71 -47.92 -64.41
C GLY B 281 25.13 -47.41 -64.25
N SER B 282 25.94 -47.67 -65.28
CA SER B 282 27.38 -47.35 -65.18
C SER B 282 27.64 -45.85 -65.19
N ALA B 283 26.86 -45.09 -65.97
CA ALA B 283 27.08 -43.65 -66.09
C ALA B 283 25.90 -42.80 -65.64
N THR B 284 24.67 -43.33 -65.66
CA THR B 284 23.50 -42.61 -65.18
C THR B 284 22.58 -43.57 -64.44
N SER B 285 21.62 -42.99 -63.72
CA SER B 285 20.53 -43.73 -63.12
C SER B 285 19.24 -43.25 -63.74
N ILE B 286 18.31 -44.18 -63.93
CA ILE B 286 17.11 -43.92 -64.74
C ILE B 286 15.87 -44.03 -63.85
N LEU B 287 15.02 -43.01 -63.91
CA LEU B 287 13.70 -43.07 -63.28
C LEU B 287 12.65 -43.17 -64.38
N GLY B 288 11.97 -44.31 -64.43
CA GLY B 288 10.98 -44.51 -65.49
C GLY B 288 11.27 -45.75 -66.32
N SER B 289 10.25 -46.25 -67.03
CA SER B 289 10.44 -47.40 -67.91
C SER B 289 11.50 -47.11 -68.97
N PHE B 290 12.40 -48.07 -69.19
CA PHE B 290 13.53 -47.91 -70.10
C PHE B 290 13.80 -49.25 -70.78
N LEU B 291 13.92 -49.25 -72.10
CA LEU B 291 14.22 -50.46 -72.85
C LEU B 291 15.57 -50.39 -73.56
N ALA B 292 15.90 -49.26 -74.15
CA ALA B 292 17.09 -49.15 -74.99
C ALA B 292 17.49 -47.69 -75.15
N THR B 293 18.79 -47.42 -74.99
CA THR B 293 19.46 -46.21 -75.48
C THR B 293 19.20 -44.93 -74.68
N ASP B 294 17.98 -44.37 -74.72
CA ASP B 294 17.80 -43.05 -74.14
C ASP B 294 16.35 -42.83 -73.74
N CYS B 295 16.09 -41.69 -73.11
CA CYS B 295 14.74 -41.38 -72.64
C CYS B 295 14.02 -40.49 -73.66
N SER B 296 13.97 -40.97 -74.90
CA SER B 296 13.47 -40.17 -76.01
C SER B 296 11.95 -40.15 -76.09
N GLY B 297 11.24 -40.92 -75.28
CA GLY B 297 9.81 -41.04 -75.41
C GLY B 297 9.34 -42.14 -76.34
N ASP B 298 10.25 -42.69 -77.15
CA ASP B 298 9.89 -43.74 -78.11
C ASP B 298 9.52 -45.01 -77.36
N GLN B 299 8.54 -45.74 -77.88
CA GLN B 299 8.11 -46.98 -77.23
C GLN B 299 9.22 -48.02 -77.16
N GLY B 300 10.21 -47.94 -78.04
CA GLY B 300 11.32 -48.86 -77.96
C GLY B 300 12.50 -48.33 -77.18
N SER B 301 12.40 -47.09 -76.68
CA SER B 301 13.51 -46.41 -76.02
C SER B 301 13.25 -46.30 -74.52
N GLY B 302 12.35 -45.42 -74.11
CA GLY B 302 12.19 -45.11 -72.71
C GLY B 302 11.27 -43.94 -72.48
N MET B 303 10.50 -43.97 -71.40
CA MET B 303 9.73 -42.82 -70.92
C MET B 303 10.26 -42.56 -69.51
N CYS B 304 11.22 -41.66 -69.39
CA CYS B 304 12.05 -41.63 -68.20
C CYS B 304 12.82 -40.31 -68.14
N VAL B 305 13.55 -40.15 -67.03
CA VAL B 305 14.49 -39.04 -66.84
C VAL B 305 15.76 -39.65 -66.26
N ALA B 306 16.92 -39.10 -66.65
CA ALA B 306 18.21 -39.67 -66.27
C ALA B 306 18.99 -38.70 -65.39
N TYR B 307 19.81 -39.25 -64.49
CA TYR B 307 20.64 -38.48 -63.57
C TYR B 307 22.07 -38.99 -63.59
N THR B 308 23.04 -38.07 -63.65
CA THR B 308 24.44 -38.47 -63.59
C THR B 308 24.99 -38.47 -62.17
N GLU B 309 24.24 -37.88 -61.23
CA GLU B 309 24.72 -37.72 -59.85
C GLU B 309 24.78 -39.04 -59.09
N VAL B 310 23.97 -40.03 -59.48
N VAL B 310 24.04 -40.06 -59.54
CA VAL B 310 23.94 -41.34 -58.81
CA VAL B 310 23.91 -41.32 -58.84
C VAL B 310 24.12 -42.40 -59.88
C VAL B 310 24.07 -42.43 -59.88
N THR B 311 24.96 -43.40 -59.60
CA THR B 311 25.25 -44.49 -60.53
C THR B 311 25.38 -45.81 -59.77
N ASP B 312 25.74 -46.87 -60.46
CA ASP B 312 25.92 -48.13 -59.74
C ASP B 312 27.23 -48.16 -58.94
N ALA B 313 27.97 -47.05 -58.91
CA ALA B 313 29.23 -46.98 -58.18
C ALA B 313 29.31 -45.86 -57.16
N LYS B 314 28.33 -44.96 -57.11
CA LYS B 314 28.43 -43.79 -56.24
C LYS B 314 27.07 -43.12 -56.11
N GLY B 315 26.97 -42.19 -55.16
CA GLY B 315 25.76 -41.35 -55.10
C GLY B 315 24.64 -41.77 -54.17
N THR B 316 24.16 -40.82 -53.37
CA THR B 316 22.96 -41.05 -52.54
C THR B 316 21.99 -39.92 -52.93
N PRO B 317 20.76 -40.23 -53.36
CA PRO B 317 19.84 -39.20 -53.84
C PRO B 317 19.66 -37.98 -52.92
N THR B 318 19.50 -38.23 -51.62
CA THR B 318 19.22 -37.13 -50.66
C THR B 318 20.45 -36.22 -50.45
N LYS B 319 21.58 -36.56 -51.02
CA LYS B 319 22.75 -35.64 -50.92
C LYS B 319 23.22 -35.21 -52.31
N ASP B 320 23.08 -36.09 -53.30
CA ASP B 320 23.70 -35.80 -54.63
C ASP B 320 22.70 -35.32 -55.67
N ILE B 321 21.40 -35.59 -55.52
CA ILE B 321 20.40 -35.00 -56.46
C ILE B 321 19.84 -33.73 -55.81
N PRO B 322 20.21 -32.54 -56.32
CA PRO B 322 19.80 -31.29 -55.70
C PRO B 322 18.33 -31.23 -55.26
N TRP B 323 17.39 -31.53 -56.14
CA TRP B 323 15.98 -31.33 -55.70
C TRP B 323 15.63 -32.26 -54.53
N MET B 324 16.19 -33.47 -54.52
CA MET B 324 15.90 -34.43 -53.44
C MET B 324 16.64 -33.97 -52.19
N GLN B 325 17.83 -33.41 -52.37
CA GLN B 325 18.56 -32.84 -51.22
C GLN B 325 17.69 -31.72 -50.63
N LYS B 326 17.13 -30.88 -51.50
CA LYS B 326 16.29 -29.75 -51.04
C LYS B 326 15.13 -30.25 -50.17
N LEU B 327 14.47 -31.35 -50.56
CA LEU B 327 13.31 -31.83 -49.78
C LEU B 327 13.78 -32.49 -48.49
N ASP B 328 14.92 -33.17 -48.53
CA ASP B 328 15.46 -33.79 -47.30
C ASP B 328 15.68 -32.68 -46.28
N SER B 329 16.20 -31.54 -46.73
N SER B 329 16.20 -31.54 -46.73
CA SER B 329 16.43 -30.39 -45.82
CA SER B 329 16.43 -30.39 -45.82
C SER B 329 15.14 -30.04 -45.07
C SER B 329 15.15 -30.05 -45.06
N VAL B 330 14.00 -30.13 -45.75
CA VAL B 330 12.68 -29.84 -45.10
C VAL B 330 12.45 -30.85 -43.97
N ARG B 331 12.77 -32.12 -44.21
CA ARG B 331 12.64 -33.15 -43.15
C ARG B 331 13.54 -32.78 -41.96
N ILE B 332 14.75 -32.29 -42.23
CA ILE B 332 15.68 -32.01 -41.10
C ILE B 332 15.14 -30.80 -40.33
N LYS B 333 14.74 -29.75 -41.06
CA LYS B 333 14.19 -28.55 -40.41
C LYS B 333 12.89 -28.92 -39.67
N LEU B 334 12.11 -29.86 -40.21
CA LEU B 334 10.91 -30.27 -39.50
C LEU B 334 11.26 -30.99 -38.20
N GLN B 335 12.24 -31.92 -38.25
CA GLN B 335 12.65 -32.62 -37.04
C GLN B 335 13.23 -31.65 -36.01
N LYS B 336 14.00 -30.66 -36.47
CA LYS B 336 14.51 -29.62 -35.54
C LYS B 336 13.34 -28.89 -34.87
N HIS B 337 12.32 -28.49 -35.64
CA HIS B 337 11.17 -27.74 -35.09
C HIS B 337 10.42 -28.62 -34.09
N GLU B 338 10.27 -29.89 -34.41
CA GLU B 338 9.48 -30.81 -33.55
C GLU B 338 10.22 -31.05 -32.23
N ARG B 339 11.54 -31.17 -32.27
CA ARG B 339 12.29 -31.30 -31.03
C ARG B 339 12.13 -30.04 -30.18
N ALA B 340 12.14 -28.87 -30.82
CA ALA B 340 11.98 -27.61 -30.07
C ALA B 340 10.60 -27.53 -29.42
N VAL B 341 9.54 -27.86 -30.16
CA VAL B 341 8.17 -27.86 -29.59
C VAL B 341 8.15 -28.76 -28.36
N GLU B 342 8.82 -29.91 -28.43
CA GLU B 342 8.81 -30.86 -27.30
C GLU B 342 9.52 -30.23 -26.10
N LYS B 343 10.68 -29.59 -26.32
CA LYS B 343 11.43 -28.97 -25.22
C LYS B 343 10.60 -27.84 -24.60
N LEU B 344 9.85 -27.11 -25.43
CA LEU B 344 9.09 -25.95 -24.94
C LEU B 344 7.80 -26.37 -24.22
N GLY B 345 7.36 -27.62 -24.39
CA GLY B 345 6.16 -28.11 -23.70
C GLY B 345 6.39 -28.40 -22.23
N LYS B 346 7.63 -28.65 -21.86
CA LYS B 346 7.97 -28.98 -20.44
C LYS B 346 7.68 -27.76 -19.56
N PRO B 347 8.20 -26.55 -19.85
CA PRO B 347 7.84 -25.38 -19.07
C PRO B 347 6.33 -25.17 -19.01
N GLN B 348 5.63 -25.39 -20.13
CA GLN B 348 4.16 -25.23 -20.16
C GLN B 348 3.52 -26.17 -19.12
N HIS B 349 3.86 -27.44 -19.16
CA HIS B 349 3.31 -28.41 -18.18
C HIS B 349 3.66 -27.94 -16.76
N ASP B 350 4.92 -27.57 -16.55
CA ASP B 350 5.38 -27.15 -15.21
C ASP B 350 4.49 -26.00 -14.70
N LEU B 351 4.25 -25.02 -15.55
CA LEU B 351 3.47 -23.83 -15.13
C LEU B 351 2.01 -24.23 -14.92
N LYS B 352 1.52 -25.19 -15.73
CA LYS B 352 0.15 -25.69 -15.49
C LYS B 352 0.11 -26.35 -14.11
N THR B 353 1.12 -27.14 -13.80
CA THR B 353 1.16 -27.82 -12.51
C THR B 353 1.16 -26.82 -11.36
N ILE B 354 1.96 -25.75 -11.47
CA ILE B 354 2.00 -24.71 -10.45
C ILE B 354 0.61 -24.11 -10.23
N LEU B 355 -0.11 -23.81 -11.32
CA LEU B 355 -1.48 -23.30 -11.18
C LEU B 355 -2.38 -24.32 -10.49
N THR B 356 -2.25 -25.59 -10.85
CA THR B 356 -3.04 -26.63 -10.22
C THR B 356 -2.74 -26.74 -8.72
N LEU B 357 -1.46 -26.62 -8.35
CA LEU B 357 -1.09 -26.67 -6.94
C LEU B 357 -1.70 -25.50 -6.17
N ALA B 358 -1.67 -24.31 -6.78
CA ALA B 358 -2.13 -23.11 -6.10
C ALA B 358 -3.61 -23.16 -5.75
N LYS B 359 -4.40 -23.90 -6.51
CA LYS B 359 -5.83 -24.04 -6.23
C LYS B 359 -6.12 -25.05 -5.15
N ASP B 360 -5.11 -25.61 -4.49
CA ASP B 360 -5.35 -26.64 -3.49
C ASP B 360 -5.03 -26.10 -2.11
N PRO B 361 -6.04 -25.81 -1.28
CA PRO B 361 -5.76 -25.16 0.02
C PRO B 361 -4.81 -25.94 0.89
N ALA B 362 -4.94 -27.27 0.90
CA ALA B 362 -4.11 -28.10 1.80
C ALA B 362 -2.64 -28.00 1.44
N TYR B 363 -2.32 -28.07 0.14
CA TYR B 363 -0.93 -27.89 -0.29
C TYR B 363 -0.41 -26.53 0.13
N LEU B 364 -1.20 -25.48 -0.10
CA LEU B 364 -0.75 -24.12 0.23
C LEU B 364 -0.38 -24.01 1.71
N GLN B 365 -1.17 -24.62 2.58
CA GLN B 365 -0.85 -24.58 4.01
C GLN B 365 0.35 -25.48 4.32
N LEU B 366 0.35 -26.72 3.81
CA LEU B 366 1.39 -27.65 4.21
C LEU B 366 2.75 -27.30 3.61
N ALA B 367 2.77 -26.51 2.53
CA ALA B 367 4.04 -26.14 1.92
C ALA B 367 4.71 -24.96 2.61
N SER B 368 4.04 -24.34 3.58
CA SER B 368 4.62 -23.26 4.37
C SER B 368 4.41 -23.51 5.86
#